data_8OFU
#
_entry.id   8OFU
#
_cell.length_a   206.314
_cell.length_b   60.526
_cell.length_c   93.837
_cell.angle_alpha   90.00
_cell.angle_beta   91.80
_cell.angle_gamma   90.00
#
_symmetry.space_group_name_H-M   'C 1 2 1'
#
loop_
_entity.id
_entity.type
_entity.pdbx_description
1 polymer 'Fiber protein'
2 non-polymer 'SULFATE ION'
3 non-polymer 1,2-ETHANEDIOL
4 non-polymer DI(HYDROXYETHYL)ETHER
5 water water
#
_entity_poly.entity_id   1
_entity_poly.type   'polypeptide(L)'
_entity_poly.pdbx_seq_one_letter_code
;KNNDKLTLWTTPDTSPNCRIDQDKDSKLTLVLTKCGSQILANVSLIVVAGRYKIINNNTNPALKGFTIKLLFDKNGVLME
SSNLGKSYWNFRNQNSIMSTAYEKAIGFMPNLVAYPKPTTGSKKYARDIVYGNIYLGGKPHQPVTIKTTFNQETGCEYSI
TFDFSWAKTYVNVEFETTSFTFSYIAQE
;
_entity_poly.pdbx_strand_id   A,B,C,D,E,F
#
loop_
_chem_comp.id
_chem_comp.type
_chem_comp.name
_chem_comp.formula
EDO non-polymer 1,2-ETHANEDIOL 'C2 H6 O2'
PEG non-polymer DI(HYDROXYETHYL)ETHER 'C4 H10 O3'
SO4 non-polymer 'SULFATE ION' 'O4 S -2'
#
# COMPACT_ATOMS: atom_id res chain seq x y z
N LYS A 5 22.49 -25.15 -22.80
CA LYS A 5 22.99 -24.69 -21.46
C LYS A 5 21.86 -24.87 -20.44
N LEU A 6 21.97 -24.20 -19.29
CA LEU A 6 21.13 -24.51 -18.11
C LEU A 6 20.03 -23.47 -17.96
N THR A 7 19.91 -22.50 -18.87
CA THR A 7 18.78 -21.54 -18.87
C THR A 7 18.11 -21.48 -20.24
N LEU A 8 16.84 -21.78 -20.25
CA LEU A 8 15.94 -21.60 -21.41
C LEU A 8 15.02 -20.43 -21.08
N TRP A 9 15.04 -19.39 -21.90
CA TRP A 9 14.30 -18.16 -21.53
C TRP A 9 13.79 -17.39 -22.76
N THR A 10 12.94 -16.45 -22.48
CA THR A 10 12.69 -15.26 -23.31
C THR A 10 13.66 -14.20 -22.84
N THR A 11 14.35 -13.54 -23.74
CA THR A 11 15.18 -12.37 -23.41
C THR A 11 14.31 -11.44 -22.57
N PRO A 12 14.75 -10.98 -21.37
CA PRO A 12 13.86 -10.25 -20.47
C PRO A 12 13.74 -8.72 -20.72
N ASP A 13 13.89 -8.31 -21.95
CA ASP A 13 13.51 -6.94 -22.42
C ASP A 13 11.98 -6.85 -22.48
N THR A 14 11.41 -5.77 -23.01
CA THR A 14 9.94 -5.56 -23.05
C THR A 14 9.41 -5.75 -24.48
N SER A 15 10.22 -6.27 -25.39
CA SER A 15 9.82 -6.50 -26.80
C SER A 15 8.78 -7.62 -26.84
N PRO A 16 7.59 -7.39 -27.42
CA PRO A 16 6.53 -8.42 -27.44
C PRO A 16 7.02 -9.70 -28.13
N ASN A 17 6.55 -10.83 -27.62
CA ASN A 17 6.99 -12.18 -28.08
C ASN A 17 5.83 -13.19 -28.07
N CYS A 18 4.60 -12.73 -27.84
CA CYS A 18 3.50 -13.65 -27.47
C CYS A 18 2.17 -13.13 -28.04
N ARG A 19 1.31 -14.06 -28.44
CA ARG A 19 -0.05 -13.78 -28.95
C ARG A 19 -1.04 -14.39 -27.95
N ILE A 20 -1.81 -13.57 -27.24
CA ILE A 20 -2.97 -14.03 -26.45
C ILE A 20 -4.19 -14.04 -27.38
N ASP A 21 -4.45 -12.90 -28.00
CA ASP A 21 -5.52 -12.74 -29.00
C ASP A 21 -4.91 -12.54 -30.39
N GLN A 22 -3.94 -11.64 -30.51
CA GLN A 22 -3.36 -11.24 -31.82
C GLN A 22 -1.84 -11.26 -31.71
N ASP A 23 -1.18 -11.40 -32.87
CA ASP A 23 0.30 -11.45 -32.97
C ASP A 23 0.89 -10.33 -32.13
N LYS A 24 1.89 -10.66 -31.31
CA LYS A 24 2.75 -9.70 -30.58
C LYS A 24 1.90 -8.77 -29.72
N ASP A 25 0.85 -9.26 -29.08
CA ASP A 25 0.03 -8.42 -28.18
C ASP A 25 0.62 -8.47 -26.77
N SER A 26 1.67 -9.25 -26.50
CA SER A 26 2.14 -9.45 -25.11
C SER A 26 3.62 -9.82 -25.06
N LYS A 27 4.25 -9.53 -23.93
CA LYS A 27 5.62 -9.95 -23.59
C LYS A 27 5.48 -10.90 -22.42
N LEU A 28 5.62 -12.20 -22.67
CA LEU A 28 5.75 -13.20 -21.60
C LEU A 28 7.25 -13.25 -21.25
N THR A 29 7.62 -12.90 -20.03
CA THR A 29 9.04 -13.08 -19.60
C THR A 29 9.06 -14.38 -18.81
N LEU A 30 9.60 -15.43 -19.44
CA LEU A 30 9.69 -16.73 -18.77
C LEU A 30 11.14 -17.21 -18.77
N VAL A 31 11.63 -17.56 -17.60
CA VAL A 31 13.01 -18.03 -17.38
C VAL A 31 12.92 -19.38 -16.70
N LEU A 32 13.42 -20.40 -17.37
CA LEU A 32 13.50 -21.79 -16.85
C LEU A 32 14.97 -22.11 -16.64
N THR A 33 15.34 -22.35 -15.41
CA THR A 33 16.73 -22.67 -15.03
C THR A 33 16.75 -24.11 -14.55
N LYS A 34 17.59 -24.93 -15.15
CA LYS A 34 17.65 -26.36 -14.80
C LYS A 34 18.55 -26.52 -13.57
N CYS A 35 17.97 -26.90 -12.44
N CYS A 35 17.97 -26.88 -12.43
CA CYS A 35 18.68 -27.33 -11.22
CA CYS A 35 18.71 -27.34 -11.23
C CYS A 35 18.51 -28.85 -11.10
C CYS A 35 18.51 -28.85 -11.10
N GLY A 36 19.22 -29.61 -11.91
CA GLY A 36 19.08 -31.08 -11.98
C GLY A 36 17.63 -31.49 -12.23
N SER A 37 17.03 -32.24 -11.33
CA SER A 37 15.70 -32.85 -11.45
C SER A 37 14.57 -31.82 -11.40
N GLN A 38 14.89 -30.55 -11.04
CA GLN A 38 13.86 -29.50 -10.92
C GLN A 38 14.22 -28.36 -11.85
N ILE A 39 13.20 -27.81 -12.49
CA ILE A 39 13.27 -26.55 -13.25
C ILE A 39 12.79 -25.44 -12.34
N LEU A 40 13.63 -24.45 -12.10
CA LEU A 40 13.26 -23.23 -11.37
C LEU A 40 12.73 -22.22 -12.40
N ALA A 41 11.48 -21.81 -12.24
CA ALA A 41 10.75 -21.02 -13.23
C ALA A 41 10.44 -19.66 -12.63
N ASN A 42 10.62 -18.64 -13.43
CA ASN A 42 10.31 -17.25 -13.05
C ASN A 42 9.48 -16.68 -14.19
N VAL A 43 8.34 -16.10 -13.87
CA VAL A 43 7.39 -15.66 -14.91
C VAL A 43 6.77 -14.30 -14.56
N SER A 44 6.58 -13.50 -15.58
CA SER A 44 5.80 -12.25 -15.52
C SER A 44 5.17 -12.02 -16.90
N LEU A 45 4.24 -11.09 -16.98
CA LEU A 45 3.53 -10.82 -18.23
C LEU A 45 3.30 -9.32 -18.36
N ILE A 46 3.57 -8.80 -19.56
CA ILE A 46 3.15 -7.45 -19.99
C ILE A 46 2.23 -7.62 -21.20
N VAL A 47 1.01 -7.12 -21.15
CA VAL A 47 0.14 -7.10 -22.36
C VAL A 47 0.34 -5.72 -22.99
N VAL A 48 0.80 -5.66 -24.23
CA VAL A 48 1.17 -4.38 -24.90
C VAL A 48 0.07 -3.90 -25.84
N ALA A 49 -0.87 -4.77 -26.23
CA ALA A 49 -1.89 -4.43 -27.23
C ALA A 49 -3.12 -5.34 -27.08
N GLY A 50 -4.21 -4.95 -27.73
CA GLY A 50 -5.40 -5.79 -27.87
C GLY A 50 -6.28 -5.78 -26.66
N ARG A 51 -7.21 -6.72 -26.56
CA ARG A 51 -8.35 -6.64 -25.63
C ARG A 51 -7.88 -6.79 -24.18
N TYR A 52 -6.70 -7.37 -23.91
CA TYR A 52 -6.23 -7.60 -22.52
C TYR A 52 -5.25 -6.51 -22.06
N LYS A 53 -4.95 -5.50 -22.87
CA LYS A 53 -3.92 -4.50 -22.51
C LYS A 53 -4.44 -3.68 -21.31
N ILE A 54 -5.65 -3.16 -21.44
CA ILE A 54 -6.29 -2.34 -20.39
C ILE A 54 -7.59 -3.01 -20.01
N ILE A 55 -7.66 -3.58 -18.83
CA ILE A 55 -8.87 -4.26 -18.33
C ILE A 55 -9.87 -3.21 -17.88
N ASN A 56 -11.10 -3.32 -18.39
CA ASN A 56 -12.20 -2.47 -17.87
C ASN A 56 -13.42 -3.35 -17.66
N ASN A 57 -13.61 -3.80 -16.42
CA ASN A 57 -14.71 -4.70 -16.02
C ASN A 57 -16.00 -3.93 -15.79
N ASN A 58 -16.01 -2.59 -15.95
CA ASN A 58 -17.27 -1.84 -16.12
C ASN A 58 -17.80 -2.10 -17.51
N THR A 59 -16.95 -1.90 -18.53
CA THR A 59 -17.28 -2.09 -19.96
C THR A 59 -17.49 -3.60 -20.22
N ASN A 60 -16.64 -4.44 -19.66
CA ASN A 60 -16.60 -5.90 -19.94
C ASN A 60 -16.66 -6.66 -18.63
N PRO A 61 -17.83 -6.75 -17.98
CA PRO A 61 -17.93 -7.35 -16.65
C PRO A 61 -17.54 -8.84 -16.62
N ALA A 62 -17.59 -9.53 -17.75
CA ALA A 62 -17.29 -10.98 -17.88
C ALA A 62 -15.83 -11.23 -18.27
N LEU A 63 -15.03 -10.20 -18.52
CA LEU A 63 -13.59 -10.37 -18.89
C LEU A 63 -12.79 -10.69 -17.63
N LYS A 64 -12.51 -11.96 -17.37
CA LYS A 64 -11.92 -12.37 -16.06
C LYS A 64 -10.72 -13.29 -16.23
N GLY A 65 -10.22 -13.49 -17.46
CA GLY A 65 -9.02 -14.33 -17.62
C GLY A 65 -8.68 -14.66 -19.05
N PHE A 66 -7.53 -15.28 -19.23
CA PHE A 66 -7.03 -15.72 -20.54
C PHE A 66 -5.90 -16.69 -20.28
N THR A 67 -5.45 -17.31 -21.35
CA THR A 67 -4.50 -18.43 -21.29
C THR A 67 -3.35 -18.18 -22.24
N ILE A 68 -2.14 -18.48 -21.77
CA ILE A 68 -0.94 -18.58 -22.62
C ILE A 68 -0.43 -20.03 -22.52
N LYS A 69 -0.28 -20.67 -23.65
CA LYS A 69 0.15 -22.09 -23.75
C LYS A 69 1.52 -22.20 -24.42
N LEU A 70 2.42 -22.97 -23.81
CA LEU A 70 3.66 -23.47 -24.42
C LEU A 70 3.48 -24.97 -24.70
N LEU A 71 3.45 -25.32 -25.97
CA LEU A 71 3.32 -26.73 -26.41
C LEU A 71 4.69 -27.15 -26.93
N PHE A 72 5.15 -28.33 -26.53
CA PHE A 72 6.48 -28.85 -26.93
C PHE A 72 6.33 -30.22 -27.55
N ASP A 73 7.20 -30.48 -28.53
CA ASP A 73 7.29 -31.78 -29.19
C ASP A 73 8.19 -32.69 -28.37
N LYS A 74 8.46 -33.90 -28.88
CA LYS A 74 9.17 -34.95 -28.13
C LYS A 74 10.63 -34.53 -27.85
N ASN A 75 11.17 -33.52 -28.54
CA ASN A 75 12.55 -33.01 -28.33
C ASN A 75 12.54 -31.78 -27.42
N GLY A 76 11.38 -31.40 -26.87
CA GLY A 76 11.26 -30.20 -26.04
C GLY A 76 11.34 -28.93 -26.85
N VAL A 77 11.15 -29.03 -28.17
CA VAL A 77 11.11 -27.85 -29.08
C VAL A 77 9.71 -27.25 -29.03
N LEU A 78 9.63 -25.93 -28.88
CA LEU A 78 8.35 -25.21 -28.82
C LEU A 78 7.63 -25.33 -30.16
N MET A 79 6.37 -25.69 -30.12
CA MET A 79 5.52 -25.85 -31.31
C MET A 79 4.91 -24.52 -31.71
N GLU A 80 4.73 -24.32 -33.01
CA GLU A 80 4.20 -23.07 -33.62
C GLU A 80 2.81 -22.75 -33.08
N SER A 81 2.05 -23.75 -32.62
CA SER A 81 0.66 -23.57 -32.10
C SER A 81 0.67 -22.90 -30.73
N SER A 82 1.84 -22.77 -30.10
CA SER A 82 2.02 -22.10 -28.80
C SER A 82 1.68 -20.61 -28.95
N ASN A 83 1.22 -20.01 -27.87
CA ASN A 83 0.99 -18.55 -27.81
C ASN A 83 2.32 -17.83 -27.92
N LEU A 84 3.35 -18.35 -27.28
CA LEU A 84 4.72 -17.76 -27.30
C LEU A 84 5.33 -17.99 -28.68
N GLY A 85 5.89 -16.93 -29.29
CA GLY A 85 6.54 -17.02 -30.61
C GLY A 85 7.80 -17.85 -30.51
N LYS A 86 8.03 -18.76 -31.47
CA LYS A 86 9.16 -19.73 -31.41
C LYS A 86 10.53 -19.02 -31.48
N SER A 87 10.59 -17.95 -32.26
CA SER A 87 11.82 -17.19 -32.52
C SER A 87 12.35 -16.54 -31.23
N TYR A 88 11.53 -16.42 -30.17
CA TYR A 88 11.89 -15.69 -28.92
C TYR A 88 12.32 -16.63 -27.79
N TRP A 89 12.27 -17.93 -28.05
CA TRP A 89 12.45 -18.93 -26.99
C TRP A 89 13.69 -19.76 -27.24
N ASN A 90 14.70 -19.64 -26.39
CA ASN A 90 15.99 -20.29 -26.66
C ASN A 90 16.84 -20.24 -25.42
N PHE A 91 17.93 -20.99 -25.44
CA PHE A 91 18.96 -20.95 -24.39
C PHE A 91 19.50 -19.53 -24.30
N ARG A 92 19.83 -19.12 -23.08
CA ARG A 92 20.40 -17.79 -22.79
C ARG A 92 21.77 -17.64 -23.44
N ASN A 93 22.03 -16.45 -23.97
CA ASN A 93 23.39 -16.01 -24.34
C ASN A 93 23.53 -14.56 -23.88
N GLN A 94 24.25 -14.35 -22.77
CA GLN A 94 24.41 -13.02 -22.10
C GLN A 94 23.02 -12.53 -21.74
N ASN A 95 22.57 -11.37 -22.24
CA ASN A 95 21.19 -10.86 -21.94
C ASN A 95 20.30 -11.06 -23.16
N SER A 96 20.70 -11.95 -24.06
CA SER A 96 19.88 -12.31 -25.23
C SER A 96 19.70 -13.82 -25.28
N ILE A 97 19.44 -14.34 -26.45
CA ILE A 97 19.26 -15.80 -26.70
C ILE A 97 20.33 -16.22 -27.68
N MET A 98 20.66 -17.52 -27.65
N MET A 98 20.66 -17.52 -27.65
CA MET A 98 21.46 -18.15 -28.72
CA MET A 98 21.45 -18.15 -28.73
C MET A 98 20.85 -17.76 -30.08
C MET A 98 20.84 -17.76 -30.08
N SER A 99 21.72 -17.48 -31.05
CA SER A 99 21.34 -16.97 -32.38
C SER A 99 20.79 -18.11 -33.23
N THR A 100 21.01 -19.36 -32.85
CA THR A 100 20.53 -20.55 -33.61
C THR A 100 19.51 -21.35 -32.79
N ALA A 101 18.54 -21.94 -33.46
CA ALA A 101 17.45 -22.75 -32.89
C ALA A 101 18.05 -23.89 -32.06
N TYR A 102 17.56 -24.11 -30.86
CA TYR A 102 17.96 -25.33 -30.11
C TYR A 102 17.32 -26.56 -30.77
N GLU A 103 17.97 -27.70 -30.66
CA GLU A 103 17.51 -29.00 -31.23
C GLU A 103 16.79 -29.83 -30.15
N LYS A 104 17.25 -29.71 -28.90
CA LYS A 104 16.79 -30.57 -27.78
C LYS A 104 16.77 -29.78 -26.48
N ALA A 105 15.70 -29.94 -25.71
CA ALA A 105 15.56 -29.39 -24.35
C ALA A 105 14.69 -30.32 -23.51
N ILE A 106 14.87 -31.64 -23.66
CA ILE A 106 14.01 -32.60 -22.91
C ILE A 106 14.27 -32.40 -21.40
N GLY A 107 15.47 -31.98 -21.01
CA GLY A 107 15.81 -31.75 -19.59
C GLY A 107 15.02 -30.61 -18.96
N PHE A 108 14.31 -29.81 -19.78
CA PHE A 108 13.48 -28.68 -19.30
C PHE A 108 12.00 -29.04 -19.34
N MET A 109 11.67 -30.21 -19.83
CA MET A 109 10.24 -30.56 -20.03
C MET A 109 9.66 -31.04 -18.69
N PRO A 110 8.37 -30.78 -18.43
CA PRO A 110 7.72 -31.30 -17.23
C PRO A 110 7.63 -32.83 -17.31
N ASN A 111 8.02 -33.46 -16.22
CA ASN A 111 8.11 -34.92 -16.08
C ASN A 111 6.72 -35.53 -16.36
N LEU A 112 6.67 -36.53 -17.24
CA LEU A 112 5.38 -37.12 -17.67
C LEU A 112 4.84 -38.10 -16.63
N VAL A 113 5.69 -38.67 -15.79
CA VAL A 113 5.21 -39.54 -14.68
C VAL A 113 4.60 -38.66 -13.61
N ALA A 114 5.27 -37.56 -13.26
CA ALA A 114 4.77 -36.58 -12.28
C ALA A 114 3.48 -35.96 -12.84
N TYR A 115 3.49 -35.62 -14.13
CA TYR A 115 2.43 -34.80 -14.78
C TYR A 115 2.00 -35.49 -16.06
N PRO A 116 1.19 -36.55 -15.95
CA PRO A 116 0.78 -37.31 -17.13
C PRO A 116 -0.19 -36.53 -18.01
N LYS A 117 -0.14 -36.80 -19.30
CA LYS A 117 -1.13 -36.31 -20.29
C LYS A 117 -2.50 -36.83 -19.85
N PRO A 118 -3.58 -36.05 -20.08
CA PRO A 118 -4.92 -36.48 -19.72
C PRO A 118 -5.32 -37.67 -20.60
N THR A 119 -5.96 -38.67 -20.00
CA THR A 119 -6.57 -39.81 -20.73
C THR A 119 -7.97 -40.03 -20.14
N THR A 120 -8.91 -40.46 -20.97
CA THR A 120 -10.28 -40.82 -20.53
C THR A 120 -10.15 -42.02 -19.59
N GLY A 121 -10.77 -41.93 -18.41
CA GLY A 121 -10.83 -43.02 -17.43
C GLY A 121 -9.65 -43.01 -16.47
N SER A 122 -8.69 -42.09 -16.64
CA SER A 122 -7.50 -41.99 -15.76
C SER A 122 -7.81 -41.04 -14.61
N LYS A 123 -7.36 -41.37 -13.39
CA LYS A 123 -7.54 -40.49 -12.21
C LYS A 123 -6.68 -39.23 -12.42
N LYS A 124 -7.31 -38.07 -12.50
CA LYS A 124 -6.63 -36.78 -12.75
C LYS A 124 -6.25 -36.22 -11.38
N TYR A 125 -4.96 -36.11 -11.08
CA TYR A 125 -4.45 -35.52 -9.81
C TYR A 125 -4.05 -34.07 -10.05
N ALA A 126 -4.24 -33.23 -9.04
CA ALA A 126 -3.96 -31.79 -9.09
C ALA A 126 -2.46 -31.51 -8.98
N ARG A 127 -1.59 -32.51 -8.80
CA ARG A 127 -0.18 -32.13 -8.52
C ARG A 127 0.48 -31.54 -9.76
N ASP A 128 -0.15 -31.66 -10.94
CA ASP A 128 0.34 -31.02 -12.20
C ASP A 128 -0.05 -29.54 -12.25
N ILE A 129 -0.57 -28.99 -11.15
CA ILE A 129 -0.93 -27.56 -11.06
C ILE A 129 -0.06 -26.88 -10.01
N VAL A 130 0.34 -25.66 -10.29
CA VAL A 130 0.84 -24.71 -9.25
C VAL A 130 0.05 -23.44 -9.36
N TYR A 131 -0.48 -22.97 -8.23
CA TYR A 131 -1.13 -21.66 -8.13
C TYR A 131 -0.15 -20.63 -7.60
N GLY A 132 -0.23 -19.43 -8.16
CA GLY A 132 0.43 -18.24 -7.61
C GLY A 132 -0.44 -17.02 -7.79
N ASN A 133 -0.03 -15.95 -7.11
CA ASN A 133 -0.57 -14.61 -7.36
C ASN A 133 0.52 -13.73 -7.95
N ILE A 134 0.10 -12.90 -8.87
CA ILE A 134 0.90 -11.73 -9.31
C ILE A 134 -0.02 -10.51 -9.22
N TYR A 135 0.55 -9.33 -9.28
CA TYR A 135 -0.18 -8.08 -8.97
C TYR A 135 -0.03 -7.13 -10.15
N LEU A 136 -1.16 -6.64 -10.64
CA LEU A 136 -1.16 -5.69 -11.77
C LEU A 136 -0.57 -4.37 -11.29
N GLY A 137 0.41 -3.87 -12.04
CA GLY A 137 1.04 -2.57 -11.72
C GLY A 137 1.80 -2.62 -10.41
N GLY A 138 2.05 -3.81 -9.87
CA GLY A 138 2.73 -3.98 -8.58
C GLY A 138 1.89 -3.51 -7.42
N LYS A 139 0.59 -3.31 -7.61
CA LYS A 139 -0.30 -2.78 -6.54
C LYS A 139 -0.85 -3.95 -5.73
N PRO A 140 -0.74 -3.90 -4.39
CA PRO A 140 -1.10 -5.04 -3.55
C PRO A 140 -2.59 -5.39 -3.63
N HIS A 141 -3.43 -4.44 -4.01
CA HIS A 141 -4.91 -4.63 -4.07
C HIS A 141 -5.34 -4.97 -5.51
N GLN A 142 -4.42 -5.32 -6.38
CA GLN A 142 -4.74 -5.75 -7.77
C GLN A 142 -4.19 -7.15 -8.02
N PRO A 143 -4.55 -8.14 -7.18
CA PRO A 143 -4.10 -9.50 -7.42
C PRO A 143 -4.73 -10.09 -8.68
N VAL A 144 -3.97 -10.96 -9.33
CA VAL A 144 -4.50 -11.90 -10.34
C VAL A 144 -3.90 -13.25 -10.00
N THR A 145 -4.66 -14.28 -10.30
CA THR A 145 -4.22 -15.67 -10.13
C THR A 145 -3.47 -16.07 -11.39
N ILE A 146 -2.28 -16.62 -11.21
CA ILE A 146 -1.58 -17.32 -12.31
C ILE A 146 -1.56 -18.80 -11.95
N LYS A 147 -2.30 -19.57 -12.70
CA LYS A 147 -2.37 -21.03 -12.53
C LYS A 147 -1.51 -21.65 -13.62
N THR A 148 -0.52 -22.44 -13.22
CA THR A 148 0.38 -23.13 -14.16
C THR A 148 0.06 -24.61 -14.13
N THR A 149 -0.19 -25.18 -15.31
CA THR A 149 -0.53 -26.60 -15.43
C THR A 149 0.46 -27.26 -16.36
N PHE A 150 0.92 -28.45 -15.99
CA PHE A 150 1.94 -29.20 -16.78
C PHE A 150 1.29 -30.33 -17.54
N ASN A 151 1.57 -30.39 -18.84
CA ASN A 151 1.28 -31.56 -19.72
C ASN A 151 -0.22 -31.83 -19.77
N GLN A 152 -1.08 -30.80 -19.77
CA GLN A 152 -2.55 -31.06 -19.88
C GLN A 152 -3.04 -30.72 -21.29
N GLU A 153 -2.18 -30.27 -22.19
CA GLU A 153 -2.60 -29.91 -23.56
C GLU A 153 -2.53 -31.14 -24.48
N THR A 154 -3.48 -31.27 -25.40
CA THR A 154 -3.44 -32.29 -26.48
C THR A 154 -2.54 -31.76 -27.60
N GLY A 155 -2.19 -32.62 -28.56
CA GLY A 155 -1.46 -32.22 -29.79
C GLY A 155 -0.04 -31.76 -29.46
N CYS A 156 0.57 -32.39 -28.47
CA CYS A 156 1.97 -32.12 -28.07
C CYS A 156 2.46 -33.26 -27.20
N GLU A 157 3.76 -33.32 -26.92
CA GLU A 157 4.35 -34.32 -26.00
C GLU A 157 4.38 -33.73 -24.59
N TYR A 158 4.62 -32.43 -24.48
CA TYR A 158 4.72 -31.71 -23.19
C TYR A 158 4.05 -30.35 -23.33
N SER A 159 3.59 -29.80 -22.22
CA SER A 159 2.99 -28.45 -22.23
C SER A 159 3.17 -27.75 -20.88
N ILE A 160 3.28 -26.44 -20.95
CA ILE A 160 3.16 -25.53 -19.80
C ILE A 160 2.05 -24.55 -20.15
N THR A 161 1.01 -24.53 -19.36
CA THR A 161 -0.18 -23.68 -19.59
C THR A 161 -0.25 -22.67 -18.44
N PHE A 162 -0.33 -21.40 -18.78
CA PHE A 162 -0.56 -20.31 -17.82
C PHE A 162 -2.00 -19.82 -18.00
N ASP A 163 -2.84 -20.07 -17.01
CA ASP A 163 -4.21 -19.51 -16.93
C ASP A 163 -4.16 -18.31 -15.99
N PHE A 164 -4.44 -17.13 -16.52
CA PHE A 164 -4.52 -15.87 -15.75
C PHE A 164 -5.99 -15.61 -15.48
N SER A 165 -6.33 -15.29 -14.25
CA SER A 165 -7.74 -15.03 -13.87
C SER A 165 -7.76 -14.02 -12.75
N TRP A 166 -8.87 -13.31 -12.63
CA TRP A 166 -9.06 -12.38 -11.50
C TRP A 166 -10.52 -12.36 -11.09
N ALA A 167 -10.74 -11.98 -9.85
CA ALA A 167 -12.04 -12.08 -9.17
C ALA A 167 -12.38 -10.71 -8.57
N LYS A 168 -11.75 -9.63 -9.05
CA LYS A 168 -12.12 -8.24 -8.71
C LYS A 168 -12.52 -7.49 -9.97
N THR A 169 -13.27 -6.42 -9.82
CA THR A 169 -13.68 -5.54 -10.93
C THR A 169 -12.57 -4.53 -11.16
N TYR A 170 -11.72 -4.77 -12.15
CA TYR A 170 -10.61 -3.87 -12.51
C TYR A 170 -11.06 -2.92 -13.60
N VAL A 171 -10.83 -1.63 -13.34
CA VAL A 171 -11.32 -0.54 -14.20
C VAL A 171 -10.11 0.24 -14.70
N ASN A 172 -9.83 0.15 -16.01
CA ASN A 172 -8.76 0.93 -16.65
C ASN A 172 -7.43 0.52 -16.01
N VAL A 173 -7.19 -0.79 -15.87
CA VAL A 173 -5.97 -1.32 -15.23
C VAL A 173 -5.13 -1.97 -16.31
N GLU A 174 -3.90 -1.49 -16.49
CA GLU A 174 -2.97 -2.05 -17.48
C GLU A 174 -2.59 -3.46 -17.01
N PHE A 175 -2.70 -4.46 -17.89
CA PHE A 175 -2.33 -5.84 -17.53
C PHE A 175 -0.82 -6.03 -17.69
N GLU A 176 -0.08 -5.66 -16.66
CA GLU A 176 1.38 -5.87 -16.60
C GLU A 176 1.70 -6.19 -15.14
N THR A 177 2.47 -7.25 -14.92
CA THR A 177 2.42 -7.99 -13.64
C THR A 177 3.76 -7.94 -12.91
N THR A 178 3.68 -8.24 -11.62
CA THR A 178 4.83 -8.63 -10.81
C THR A 178 5.27 -10.03 -11.25
N SER A 179 6.36 -10.51 -10.66
CA SER A 179 6.95 -11.82 -11.03
C SER A 179 6.54 -12.88 -10.02
N PHE A 180 6.53 -14.12 -10.46
CA PHE A 180 6.23 -15.30 -9.62
C PHE A 180 7.27 -16.38 -9.95
N THR A 181 7.77 -17.02 -8.91
CA THR A 181 8.69 -18.17 -9.04
C THR A 181 7.96 -19.43 -8.62
N PHE A 182 8.22 -20.52 -9.37
CA PHE A 182 7.74 -21.86 -9.00
C PHE A 182 8.81 -22.83 -9.49
N SER A 183 8.59 -24.11 -9.27
CA SER A 183 9.46 -25.14 -9.85
C SER A 183 8.59 -26.29 -10.31
N TYR A 184 9.16 -27.16 -11.11
CA TYR A 184 8.49 -28.42 -11.49
C TYR A 184 9.55 -29.47 -11.69
N ILE A 185 9.10 -30.71 -11.64
CA ILE A 185 9.94 -31.92 -11.82
C ILE A 185 10.26 -32.06 -13.30
N ALA A 186 11.54 -32.21 -13.62
CA ALA A 186 12.04 -32.31 -15.00
C ALA A 186 11.90 -33.75 -15.51
N GLN A 187 11.64 -33.88 -16.80
CA GLN A 187 11.50 -35.18 -17.50
C GLN A 187 12.80 -35.98 -17.41
N GLU A 188 13.95 -35.35 -17.55
CA GLU A 188 15.25 -36.03 -17.36
C GLU A 188 16.26 -35.02 -16.81
N LYS B 1 39.93 -26.18 0.03
CA LYS B 1 39.42 -24.80 0.31
C LYS B 1 37.89 -24.80 0.17
N ASN B 2 37.20 -24.01 1.00
CA ASN B 2 35.74 -24.12 1.25
C ASN B 2 35.05 -22.82 0.84
N ASN B 3 35.72 -21.97 0.06
CA ASN B 3 35.11 -20.72 -0.48
C ASN B 3 33.98 -21.12 -1.44
N ASP B 4 32.77 -20.66 -1.14
CA ASP B 4 31.57 -20.96 -1.96
C ASP B 4 31.13 -19.68 -2.66
N LYS B 5 31.64 -19.45 -3.87
CA LYS B 5 31.35 -18.18 -4.58
C LYS B 5 30.06 -18.33 -5.38
N LEU B 6 29.26 -19.39 -5.15
CA LEU B 6 27.88 -19.50 -5.68
C LEU B 6 26.87 -19.17 -4.58
N THR B 7 27.31 -18.71 -3.41
CA THR B 7 26.40 -18.25 -2.33
C THR B 7 26.90 -16.90 -1.81
N LEU B 8 26.06 -15.89 -1.87
CA LEU B 8 26.26 -14.57 -1.25
C LEU B 8 25.25 -14.50 -0.12
N TRP B 9 25.72 -14.35 1.11
CA TRP B 9 24.77 -14.46 2.22
C TRP B 9 25.19 -13.63 3.43
N THR B 10 24.24 -13.51 4.32
CA THR B 10 24.43 -13.18 5.73
C THR B 10 24.49 -14.59 6.32
N THR B 11 25.62 -15.08 6.70
CA THR B 11 25.68 -16.24 7.58
C THR B 11 24.27 -16.54 8.10
N PRO B 12 23.98 -17.81 8.43
CA PRO B 12 22.71 -18.15 9.06
C PRO B 12 22.64 -17.93 10.59
N ASP B 13 23.61 -17.26 11.21
CA ASP B 13 23.56 -17.06 12.68
C ASP B 13 22.52 -15.97 12.96
N THR B 14 22.31 -15.63 14.24
CA THR B 14 21.29 -14.65 14.66
C THR B 14 21.97 -13.36 15.12
N SER B 15 23.24 -13.18 14.80
CA SER B 15 24.01 -11.95 15.13
C SER B 15 23.41 -10.78 14.36
N PRO B 16 22.99 -9.69 15.03
CA PRO B 16 22.38 -8.55 14.33
C PRO B 16 23.33 -8.00 13.27
N ASN B 17 22.76 -7.61 12.13
CA ASN B 17 23.53 -7.20 10.94
C ASN B 17 22.80 -6.07 10.21
N CYS B 18 21.78 -5.48 10.80
CA CYS B 18 20.83 -4.64 10.05
C CYS B 18 20.29 -3.53 10.97
N ARG B 19 20.06 -2.37 10.37
CA ARG B 19 19.41 -1.23 11.06
C ARG B 19 18.08 -0.94 10.34
N ILE B 20 16.97 -1.11 11.03
CA ILE B 20 15.65 -0.63 10.53
C ILE B 20 15.43 0.77 11.10
N ASP B 21 15.47 0.87 12.41
CA ASP B 21 15.25 2.13 13.17
C ASP B 21 16.57 2.55 13.82
N GLN B 22 17.29 1.62 14.45
CA GLN B 22 18.59 1.91 15.11
C GLN B 22 19.62 0.86 14.67
N ASP B 23 20.89 1.20 14.83
CA ASP B 23 22.03 0.32 14.53
C ASP B 23 21.78 -1.03 15.20
N LYS B 24 22.01 -2.12 14.45
CA LYS B 24 22.02 -3.51 14.94
C LYS B 24 20.71 -3.84 15.65
N ASP B 25 19.57 -3.34 15.13
CA ASP B 25 18.27 -3.68 15.76
C ASP B 25 17.69 -4.95 15.15
N SER B 26 18.37 -5.55 14.17
CA SER B 26 17.75 -6.68 13.43
C SER B 26 18.80 -7.58 12.82
N LYS B 27 18.40 -8.84 12.64
CA LYS B 27 19.11 -9.82 11.81
C LYS B 27 18.25 -10.06 10.57
N LEU B 28 18.70 -9.56 9.43
CA LEU B 28 18.14 -9.96 8.12
C LEU B 28 18.92 -11.21 7.71
N THR B 29 18.27 -12.36 7.63
CA THR B 29 18.94 -13.58 7.15
C THR B 29 18.59 -13.68 5.68
N LEU B 30 19.57 -13.41 4.84
CA LEU B 30 19.36 -13.38 3.40
C LEU B 30 20.44 -14.27 2.77
N VAL B 31 19.98 -15.25 2.03
CA VAL B 31 20.84 -16.21 1.31
C VAL B 31 20.50 -16.11 -0.17
N LEU B 32 21.49 -15.74 -0.97
CA LEU B 32 21.39 -15.68 -2.43
C LEU B 32 22.23 -16.83 -2.98
N THR B 33 21.60 -17.76 -3.64
CA THR B 33 22.29 -18.94 -4.21
C THR B 33 22.18 -18.80 -5.71
N LYS B 34 23.32 -18.79 -6.38
CA LYS B 34 23.32 -18.57 -7.83
C LYS B 34 23.05 -19.92 -8.50
N CYS B 35 21.89 -20.04 -9.15
CA CYS B 35 21.56 -21.15 -10.07
C CYS B 35 21.61 -20.60 -11.50
N GLY B 36 22.82 -20.38 -12.01
CA GLY B 36 23.06 -19.76 -13.32
C GLY B 36 22.35 -18.43 -13.44
N SER B 37 21.44 -18.33 -14.41
CA SER B 37 20.70 -17.09 -14.77
C SER B 37 19.75 -16.61 -13.67
N GLN B 38 19.46 -17.46 -12.68
CA GLN B 38 18.53 -17.09 -11.59
C GLN B 38 19.25 -17.16 -10.24
N ILE B 39 18.95 -16.18 -9.40
CA ILE B 39 19.34 -16.18 -7.97
C ILE B 39 18.15 -16.72 -7.19
N LEU B 40 18.38 -17.79 -6.45
CA LEU B 40 17.38 -18.35 -5.52
C LEU B 40 17.62 -17.68 -4.18
N ALA B 41 16.62 -16.95 -3.70
CA ALA B 41 16.78 -16.03 -2.56
C ALA B 41 15.90 -16.55 -1.43
N ASN B 42 16.47 -16.58 -0.24
CA ASN B 42 15.75 -17.03 0.95
C ASN B 42 15.92 -15.95 2.01
N VAL B 43 14.82 -15.50 2.58
CA VAL B 43 14.88 -14.32 3.47
C VAL B 43 14.00 -14.55 4.70
N SER B 44 14.48 -14.08 5.83
CA SER B 44 13.69 -13.92 7.08
C SER B 44 14.21 -12.70 7.80
N LEU B 45 13.46 -12.25 8.80
CA LEU B 45 13.85 -11.08 9.58
C LEU B 45 13.58 -11.35 11.06
N ILE B 46 14.56 -11.03 11.89
CA ILE B 46 14.41 -11.00 13.36
C ILE B 46 14.71 -9.58 13.78
N VAL B 47 13.76 -8.91 14.42
CA VAL B 47 14.03 -7.59 15.03
C VAL B 47 14.40 -7.89 16.49
N VAL B 48 15.62 -7.54 16.89
CA VAL B 48 16.17 -7.96 18.21
C VAL B 48 16.06 -6.81 19.20
N ALA B 49 15.88 -5.58 18.74
CA ALA B 49 15.89 -4.40 19.65
C ALA B 49 15.19 -3.23 18.96
N GLY B 50 15.00 -2.14 19.70
CA GLY B 50 14.49 -0.87 19.18
C GLY B 50 12.99 -0.89 18.99
N ARG B 51 12.47 0.12 18.29
CA ARG B 51 11.03 0.45 18.28
C ARG B 51 10.22 -0.66 17.60
N TYR B 52 10.80 -1.45 16.70
CA TYR B 52 10.03 -2.42 15.87
C TYR B 52 10.22 -3.85 16.39
N LYS B 53 10.88 -4.03 17.53
CA LYS B 53 11.02 -5.37 18.15
C LYS B 53 9.63 -5.89 18.52
N ILE B 54 8.85 -5.06 19.22
CA ILE B 54 7.49 -5.45 19.68
C ILE B 54 6.49 -4.47 19.07
N ILE B 55 5.67 -4.96 18.15
CA ILE B 55 4.61 -4.14 17.50
C ILE B 55 3.44 -4.02 18.46
N ASN B 56 3.01 -2.79 18.70
CA ASN B 56 1.75 -2.54 19.44
C ASN B 56 0.96 -1.48 18.68
N ASN B 57 -0.01 -1.93 17.89
CA ASN B 57 -0.87 -1.06 17.05
C ASN B 57 -2.00 -0.43 17.88
N ASN B 58 -2.11 -0.74 19.17
CA ASN B 58 -2.92 0.10 20.11
C ASN B 58 -2.14 1.39 20.39
N THR B 59 -0.87 1.25 20.76
CA THR B 59 0.04 2.37 21.08
C THR B 59 0.36 3.16 19.80
N ASN B 60 0.60 2.44 18.69
CA ASN B 60 1.06 3.04 17.42
C ASN B 60 0.12 2.57 16.31
N PRO B 61 -1.10 3.12 16.22
CA PRO B 61 -2.09 2.63 15.26
C PRO B 61 -1.67 2.80 13.80
N ALA B 62 -0.74 3.72 13.50
CA ALA B 62 -0.30 4.02 12.12
C ALA B 62 0.94 3.19 11.74
N LEU B 63 1.54 2.45 12.68
CA LEU B 63 2.77 1.66 12.40
C LEU B 63 2.35 0.39 11.64
N LYS B 64 2.51 0.39 10.32
CA LYS B 64 2.04 -0.72 9.47
C LYS B 64 3.14 -1.16 8.52
N GLY B 65 4.38 -0.68 8.67
CA GLY B 65 5.46 -1.17 7.80
C GLY B 65 6.79 -0.54 8.09
N PHE B 66 7.79 -1.02 7.38
CA PHE B 66 9.14 -0.45 7.37
C PHE B 66 9.88 -1.07 6.21
N THR B 67 11.07 -0.59 5.94
CA THR B 67 11.84 -0.95 4.73
C THR B 67 13.26 -1.30 5.11
N ILE B 68 13.82 -2.32 4.46
CA ILE B 68 15.26 -2.63 4.48
C ILE B 68 15.77 -2.55 3.05
N LYS B 69 16.78 -1.75 2.82
CA LYS B 69 17.39 -1.54 1.48
C LYS B 69 18.82 -2.06 1.45
N LEU B 70 19.12 -2.83 0.40
CA LEU B 70 20.49 -3.19 -0.01
C LEU B 70 20.79 -2.41 -1.29
N LEU B 71 21.73 -1.48 -1.19
CA LEU B 71 22.18 -0.64 -2.34
C LEU B 71 23.53 -1.20 -2.75
N PHE B 72 23.73 -1.41 -4.06
CA PHE B 72 24.99 -1.96 -4.59
C PHE B 72 25.57 -1.00 -5.62
N ASP B 73 26.89 -0.95 -5.66
CA ASP B 73 27.65 -0.21 -6.69
C ASP B 73 27.80 -1.07 -7.96
N LYS B 74 28.55 -0.56 -8.93
CA LYS B 74 28.68 -1.18 -10.28
C LYS B 74 29.33 -2.56 -10.19
N ASN B 75 30.03 -2.88 -9.09
CA ASN B 75 30.68 -4.21 -8.91
C ASN B 75 29.82 -5.14 -8.07
N GLY B 76 28.61 -4.73 -7.72
CA GLY B 76 27.70 -5.53 -6.87
C GLY B 76 28.15 -5.52 -5.41
N VAL B 77 28.97 -4.56 -5.03
CA VAL B 77 29.44 -4.38 -3.63
C VAL B 77 28.39 -3.59 -2.87
N LEU B 78 28.01 -4.08 -1.69
CA LEU B 78 27.00 -3.44 -0.82
C LEU B 78 27.55 -2.09 -0.38
N MET B 79 26.75 -1.04 -0.50
CA MET B 79 27.12 0.31 -0.07
C MET B 79 26.84 0.48 1.43
N GLU B 80 27.73 1.18 2.13
CA GLU B 80 27.68 1.37 3.61
C GLU B 80 26.35 2.04 4.00
N SER B 81 25.74 2.81 3.09
CA SER B 81 24.49 3.57 3.36
C SER B 81 23.28 2.66 3.40
N SER B 82 23.42 1.37 3.03
CA SER B 82 22.35 0.36 3.10
C SER B 82 21.90 0.12 4.54
N ASN B 83 20.69 -0.39 4.74
CA ASN B 83 20.23 -0.85 6.08
C ASN B 83 21.07 -2.06 6.54
N LEU B 84 21.38 -2.95 5.61
CA LEU B 84 22.21 -4.15 5.88
C LEU B 84 23.69 -3.75 6.05
N GLY B 85 24.32 -4.21 7.12
CA GLY B 85 25.74 -3.98 7.42
C GLY B 85 26.63 -4.80 6.49
N LYS B 86 27.78 -4.27 6.18
CA LYS B 86 28.72 -4.88 5.22
C LYS B 86 29.48 -6.04 5.87
N SER B 87 29.67 -6.10 7.19
CA SER B 87 30.84 -6.85 7.75
C SER B 87 30.64 -8.38 7.55
N TYR B 88 29.39 -8.86 7.50
CA TYR B 88 29.10 -10.32 7.36
C TYR B 88 28.14 -10.51 6.19
N TRP B 89 28.25 -9.65 5.18
CA TRP B 89 27.66 -9.85 3.83
C TRP B 89 28.81 -10.20 2.87
N ASN B 90 28.87 -11.46 2.49
CA ASN B 90 30.02 -11.98 1.74
C ASN B 90 29.65 -13.34 1.18
N PHE B 91 30.47 -13.79 0.25
CA PHE B 91 30.49 -15.19 -0.21
C PHE B 91 30.61 -16.12 0.98
N ARG B 92 29.93 -17.25 0.89
CA ARG B 92 29.91 -18.27 1.94
C ARG B 92 31.28 -18.94 2.07
N ASN B 93 31.61 -19.29 3.30
CA ASN B 93 32.64 -20.30 3.67
C ASN B 93 32.08 -21.08 4.86
N GLN B 94 31.57 -22.28 4.60
CA GLN B 94 30.90 -23.15 5.62
C GLN B 94 29.72 -22.38 6.22
N ASN B 95 29.70 -22.07 7.52
CA ASN B 95 28.58 -21.32 8.15
C ASN B 95 28.98 -19.86 8.35
N SER B 96 30.09 -19.44 7.75
CA SER B 96 30.65 -18.08 7.89
C SER B 96 30.87 -17.51 6.50
N ILE B 97 31.86 -16.63 6.37
CA ILE B 97 32.10 -15.88 5.12
C ILE B 97 33.56 -16.11 4.70
N MET B 98 33.82 -15.91 3.41
N MET B 98 33.82 -15.90 3.42
CA MET B 98 35.15 -15.73 2.82
CA MET B 98 35.15 -15.72 2.81
C MET B 98 35.92 -14.73 3.69
C MET B 98 35.92 -14.73 3.69
N SER B 99 37.22 -14.92 3.83
CA SER B 99 38.07 -14.18 4.79
C SER B 99 38.30 -12.73 4.37
N THR B 100 38.13 -12.37 3.10
CA THR B 100 38.22 -10.95 2.64
C THR B 100 36.91 -10.55 1.99
N ALA B 101 36.58 -9.26 2.07
CA ALA B 101 35.37 -8.66 1.46
C ALA B 101 35.47 -8.87 -0.05
N TYR B 102 34.37 -9.27 -0.68
CA TYR B 102 34.34 -9.53 -2.13
C TYR B 102 34.49 -8.21 -2.86
N GLU B 103 35.08 -8.27 -4.03
CA GLU B 103 35.32 -7.09 -4.89
C GLU B 103 34.29 -7.06 -6.02
N LYS B 104 33.74 -8.22 -6.41
CA LYS B 104 32.79 -8.33 -7.55
C LYS B 104 31.75 -9.40 -7.24
N ALA B 105 30.48 -9.07 -7.48
CA ALA B 105 29.35 -10.02 -7.33
C ALA B 105 28.28 -9.68 -8.36
N ILE B 106 28.68 -9.28 -9.56
CA ILE B 106 27.71 -8.93 -10.62
C ILE B 106 26.81 -10.13 -10.95
N GLY B 107 27.31 -11.36 -10.80
CA GLY B 107 26.51 -12.59 -11.02
C GLY B 107 25.33 -12.73 -10.07
N PHE B 108 25.29 -11.94 -8.98
CA PHE B 108 24.22 -11.98 -7.96
C PHE B 108 23.34 -10.74 -8.07
N MET B 109 23.68 -9.81 -8.96
CA MET B 109 22.95 -8.55 -9.06
C MET B 109 21.68 -8.81 -9.88
N PRO B 110 20.58 -8.11 -9.56
CA PRO B 110 19.36 -8.21 -10.35
C PRO B 110 19.61 -7.64 -11.75
N ASN B 111 19.19 -8.41 -12.75
CA ASN B 111 19.41 -8.12 -14.18
C ASN B 111 18.83 -6.74 -14.53
N LEU B 112 19.63 -5.89 -15.15
CA LEU B 112 19.21 -4.49 -15.45
C LEU B 112 18.30 -4.46 -16.67
N VAL B 113 18.34 -5.45 -17.56
CA VAL B 113 17.39 -5.50 -18.70
C VAL B 113 16.01 -5.92 -18.16
N ALA B 114 16.00 -6.94 -17.32
CA ALA B 114 14.76 -7.42 -16.65
C ALA B 114 14.23 -6.29 -15.75
N TYR B 115 15.12 -5.63 -15.02
CA TYR B 115 14.76 -4.69 -13.93
C TYR B 115 15.54 -3.39 -14.11
N PRO B 116 15.16 -2.57 -15.09
CA PRO B 116 15.91 -1.36 -15.41
C PRO B 116 15.78 -0.32 -14.29
N LYS B 117 16.83 0.48 -14.13
CA LYS B 117 16.76 1.62 -13.18
C LYS B 117 15.69 2.57 -13.70
N PRO B 118 14.95 3.25 -12.80
CA PRO B 118 14.02 4.28 -13.21
C PRO B 118 14.81 5.44 -13.81
N THR B 119 14.27 6.05 -14.85
CA THR B 119 14.77 7.34 -15.41
C THR B 119 13.56 8.26 -15.50
N THR B 120 13.71 9.58 -15.52
CA THR B 120 12.55 10.52 -15.52
C THR B 120 11.71 10.25 -16.77
N GLY B 121 10.41 10.02 -16.60
CA GLY B 121 9.43 9.81 -17.68
C GLY B 121 9.45 8.41 -18.26
N SER B 122 10.07 7.47 -17.56
CA SER B 122 10.25 6.08 -18.05
C SER B 122 9.04 5.22 -17.64
N LYS B 123 8.57 4.35 -18.54
CA LYS B 123 7.45 3.41 -18.27
C LYS B 123 7.92 2.41 -17.20
N LYS B 124 7.24 2.41 -16.07
CA LYS B 124 7.58 1.54 -14.92
C LYS B 124 6.78 0.25 -15.07
N TYR B 125 7.45 -0.88 -15.27
CA TYR B 125 6.80 -2.23 -15.31
C TYR B 125 6.97 -2.89 -13.96
N ALA B 126 5.98 -3.66 -13.54
CA ALA B 126 5.90 -4.25 -12.20
C ALA B 126 6.76 -5.51 -12.11
N ARG B 127 7.39 -5.96 -13.19
CA ARG B 127 8.03 -7.29 -13.12
C ARG B 127 9.27 -7.23 -12.21
N ASP B 128 9.73 -6.04 -11.84
CA ASP B 128 10.85 -5.85 -10.87
C ASP B 128 10.36 -5.99 -9.43
N ILE B 129 9.12 -6.43 -9.22
CA ILE B 129 8.56 -6.69 -7.88
C ILE B 129 8.26 -8.17 -7.73
N VAL B 130 8.52 -8.70 -6.54
CA VAL B 130 7.91 -9.98 -6.09
C VAL B 130 7.28 -9.77 -4.72
N TYR B 131 6.03 -10.17 -4.61
CA TYR B 131 5.29 -10.20 -3.34
C TYR B 131 5.41 -11.58 -2.70
N GLY B 132 5.50 -11.57 -1.38
CA GLY B 132 5.34 -12.78 -0.58
C GLY B 132 4.79 -12.48 0.78
N ASN B 133 4.51 -13.51 1.55
CA ASN B 133 4.04 -13.40 2.94
C ASN B 133 5.03 -14.09 3.85
N ILE B 134 5.24 -13.52 5.01
CA ILE B 134 5.90 -14.21 6.15
C ILE B 134 5.02 -13.99 7.38
N TYR B 135 5.24 -14.75 8.43
CA TYR B 135 4.32 -14.82 9.58
C TYR B 135 5.11 -14.53 10.86
N LEU B 136 4.62 -13.58 11.64
CA LEU B 136 5.27 -13.21 12.91
C LEU B 136 5.10 -14.37 13.89
N GLY B 137 6.21 -14.78 14.49
CA GLY B 137 6.21 -15.84 15.51
C GLY B 137 5.79 -17.17 14.93
N GLY B 138 5.76 -17.30 13.60
CA GLY B 138 5.30 -18.54 12.93
C GLY B 138 3.82 -18.79 13.13
N LYS B 139 3.06 -17.78 13.55
CA LYS B 139 1.60 -17.92 13.79
C LYS B 139 0.85 -17.60 12.51
N PRO B 140 -0.07 -18.49 12.08
CA PRO B 140 -0.72 -18.34 10.78
C PRO B 140 -1.62 -17.10 10.69
N HIS B 141 -2.06 -16.57 11.82
CA HIS B 141 -2.95 -15.39 11.90
C HIS B 141 -2.14 -14.10 12.02
N GLN B 142 -0.82 -14.15 11.84
CA GLN B 142 0.04 -12.93 11.94
C GLN B 142 0.80 -12.74 10.64
N PRO B 143 0.12 -12.64 9.50
CA PRO B 143 0.78 -12.41 8.23
C PRO B 143 1.38 -11.02 8.16
N VAL B 144 2.50 -10.92 7.45
CA VAL B 144 3.03 -9.63 6.98
C VAL B 144 3.40 -9.82 5.53
N THR B 145 3.24 -8.76 4.75
CA THR B 145 3.62 -8.72 3.35
C THR B 145 5.09 -8.35 3.28
N ILE B 146 5.86 -9.15 2.56
CA ILE B 146 7.24 -8.77 2.19
C ILE B 146 7.24 -8.52 0.69
N LYS B 147 7.42 -7.27 0.32
CA LYS B 147 7.51 -6.86 -1.08
C LYS B 147 8.97 -6.64 -1.41
N THR B 148 9.48 -7.34 -2.41
CA THR B 148 10.89 -7.23 -2.83
C THR B 148 10.92 -6.53 -4.18
N THR B 149 11.70 -5.46 -4.28
CA THR B 149 11.81 -4.68 -5.52
C THR B 149 13.27 -4.63 -5.97
N PHE B 150 13.51 -4.80 -7.26
CA PHE B 150 14.87 -4.86 -7.83
C PHE B 150 15.18 -3.57 -8.56
N ASN B 151 16.33 -2.99 -8.25
CA ASN B 151 16.98 -1.91 -9.02
C ASN B 151 16.15 -0.64 -9.08
N GLN B 152 15.32 -0.33 -8.09
CA GLN B 152 14.47 0.87 -8.14
C GLN B 152 15.02 1.98 -7.26
N GLU B 153 16.15 1.78 -6.57
CA GLU B 153 16.73 2.82 -5.69
C GLU B 153 17.64 3.75 -6.50
N THR B 154 17.61 5.05 -6.17
N THR B 154 17.61 5.06 -6.19
CA THR B 154 18.52 6.07 -6.74
CA THR B 154 18.54 6.04 -6.80
C THR B 154 19.90 5.94 -6.09
C THR B 154 19.90 5.94 -6.09
N GLY B 155 20.95 6.48 -6.72
CA GLY B 155 22.28 6.61 -6.12
C GLY B 155 22.94 5.27 -5.91
N CYS B 156 22.70 4.33 -6.82
CA CYS B 156 23.32 2.99 -6.79
C CYS B 156 23.16 2.39 -8.19
N GLU B 157 23.87 1.31 -8.48
CA GLU B 157 23.80 0.66 -9.81
C GLU B 157 22.78 -0.48 -9.75
N TYR B 158 22.66 -1.13 -8.61
CA TYR B 158 21.68 -2.20 -8.36
C TYR B 158 21.11 -2.01 -6.97
N SER B 159 19.94 -2.57 -6.73
CA SER B 159 19.32 -2.55 -5.40
C SER B 159 18.38 -3.72 -5.20
N ILE B 160 18.29 -4.16 -3.96
CA ILE B 160 17.22 -5.06 -3.49
C ILE B 160 16.57 -4.37 -2.31
N THR B 161 15.30 -4.05 -2.44
CA THR B 161 14.51 -3.39 -1.39
C THR B 161 13.48 -4.37 -0.84
N PHE B 162 13.44 -4.51 0.47
CA PHE B 162 12.39 -5.25 1.18
C PHE B 162 11.47 -4.25 1.87
N ASP B 163 10.23 -4.15 1.41
CA ASP B 163 9.16 -3.36 2.09
C ASP B 163 8.29 -4.35 2.88
N PHE B 164 8.27 -4.21 4.20
CA PHE B 164 7.43 -5.03 5.10
C PHE B 164 6.19 -4.20 5.42
N SER B 165 5.03 -4.81 5.36
CA SER B 165 3.76 -4.16 5.72
C SER B 165 2.83 -5.18 6.32
N TRP B 166 1.89 -4.71 7.10
CA TRP B 166 0.81 -5.55 7.64
C TRP B 166 -0.48 -4.77 7.70
N ALA B 167 -1.58 -5.51 7.67
CA ALA B 167 -2.93 -4.98 7.50
C ALA B 167 -3.83 -5.51 8.61
N LYS B 168 -3.24 -5.86 9.75
CA LYS B 168 -3.95 -6.28 10.98
C LYS B 168 -3.43 -5.45 12.15
N THR B 169 -4.20 -5.40 13.23
CA THR B 169 -3.79 -4.76 14.49
C THR B 169 -3.00 -5.78 15.30
N TYR B 170 -1.68 -5.64 15.32
CA TYR B 170 -0.81 -6.50 16.16
C TYR B 170 -0.56 -5.81 17.50
N VAL B 171 -0.82 -6.53 18.58
CA VAL B 171 -0.71 -5.97 19.95
C VAL B 171 0.33 -6.78 20.73
N ASN B 172 1.49 -6.19 20.99
CA ASN B 172 2.59 -6.83 21.75
C ASN B 172 3.03 -8.09 21.00
N VAL B 173 3.28 -7.94 19.70
CA VAL B 173 3.70 -9.07 18.84
C VAL B 173 5.17 -8.83 18.46
N GLU B 174 6.02 -9.79 18.77
CA GLU B 174 7.45 -9.72 18.46
C GLU B 174 7.62 -9.82 16.94
N PHE B 175 8.39 -8.91 16.36
CA PHE B 175 8.64 -8.92 14.90
C PHE B 175 9.82 -9.85 14.59
N GLU B 176 9.51 -11.13 14.46
CA GLU B 176 10.49 -12.15 14.05
C GLU B 176 9.72 -13.18 13.23
N THR B 177 10.22 -13.50 12.04
CA THR B 177 9.37 -13.97 10.92
C THR B 177 9.78 -15.38 10.50
N THR B 178 8.83 -16.01 9.85
CA THR B 178 9.08 -17.20 9.01
C THR B 178 9.91 -16.78 7.81
N SER B 179 10.32 -17.76 7.02
CA SER B 179 11.18 -17.57 5.83
C SER B 179 10.33 -17.54 4.57
N PHE B 180 10.83 -16.84 3.56
CA PHE B 180 10.20 -16.77 2.22
C PHE B 180 11.30 -16.96 1.19
N THR B 181 11.00 -17.74 0.17
CA THR B 181 11.89 -17.96 -0.98
C THR B 181 11.29 -17.30 -2.21
N PHE B 182 12.15 -16.68 -2.99
CA PHE B 182 11.81 -16.15 -4.32
C PHE B 182 13.02 -16.30 -5.21
N SER B 183 12.91 -15.89 -6.45
CA SER B 183 14.08 -15.86 -7.34
C SER B 183 14.02 -14.58 -8.13
N TYR B 184 15.14 -14.25 -8.75
CA TYR B 184 15.20 -13.13 -9.70
C TYR B 184 16.24 -13.45 -10.73
N ILE B 185 16.11 -12.76 -11.85
CA ILE B 185 17.00 -12.91 -13.01
C ILE B 185 18.33 -12.23 -12.68
N ALA B 186 19.43 -12.91 -12.88
CA ALA B 186 20.78 -12.45 -12.55
C ALA B 186 21.32 -11.61 -13.71
N GLN B 187 22.10 -10.59 -13.40
CA GLN B 187 22.73 -9.69 -14.38
C GLN B 187 23.67 -10.46 -15.30
N GLU B 188 24.41 -11.43 -14.76
CA GLU B 188 25.22 -12.32 -15.64
C GLU B 188 25.28 -13.72 -15.01
N LYS C 5 24.57 -37.86 -5.63
CA LYS C 5 23.68 -37.25 -6.66
C LYS C 5 23.01 -36.00 -6.06
N LEU C 6 22.43 -35.15 -6.90
CA LEU C 6 21.96 -33.81 -6.52
C LEU C 6 20.44 -33.81 -6.35
N THR C 7 19.76 -34.95 -6.46
CA THR C 7 18.31 -35.07 -6.17
C THR C 7 18.05 -36.23 -5.21
N LEU C 8 17.43 -35.88 -4.08
CA LEU C 8 16.89 -36.85 -3.13
C LEU C 8 15.37 -36.77 -3.24
N TRP C 9 14.70 -37.86 -3.54
CA TRP C 9 13.25 -37.76 -3.83
C TRP C 9 12.48 -39.04 -3.51
N THR C 10 11.18 -38.90 -3.52
CA THR C 10 10.20 -39.97 -3.75
C THR C 10 10.03 -40.02 -5.25
N THR C 11 10.10 -41.14 -5.89
CA THR C 11 9.76 -41.22 -7.32
C THR C 11 8.53 -40.33 -7.55
N PRO C 12 8.35 -39.79 -8.76
CA PRO C 12 7.15 -39.03 -9.07
C PRO C 12 5.90 -39.85 -9.45
N ASP C 13 5.88 -41.17 -9.22
CA ASP C 13 4.66 -41.98 -9.48
C ASP C 13 3.63 -41.69 -8.40
N THR C 14 2.47 -42.33 -8.45
CA THR C 14 1.35 -42.12 -7.51
C THR C 14 1.24 -43.30 -6.54
N SER C 15 2.24 -44.17 -6.48
CA SER C 15 2.25 -45.35 -5.59
C SER C 15 2.35 -44.85 -4.14
N PRO C 16 1.42 -45.24 -3.25
CA PRO C 16 1.49 -44.78 -1.87
C PRO C 16 2.83 -45.13 -1.19
N ASN C 17 3.32 -44.23 -0.35
CA ASN C 17 4.67 -44.30 0.26
C ASN C 17 4.67 -43.72 1.67
N CYS C 18 3.50 -43.38 2.22
CA CYS C 18 3.41 -42.51 3.40
C CYS C 18 2.24 -42.91 4.27
N ARG C 19 2.40 -42.77 5.59
CA ARG C 19 1.34 -43.05 6.57
C ARG C 19 0.98 -41.74 7.26
N ILE C 20 -0.24 -41.27 7.07
CA ILE C 20 -0.80 -40.18 7.89
C ILE C 20 -1.52 -40.82 9.08
N ASP C 21 -2.46 -41.71 8.80
CA ASP C 21 -3.24 -42.46 9.81
C ASP C 21 -2.80 -43.94 9.77
N GLN C 22 -2.73 -44.53 8.58
CA GLN C 22 -2.40 -45.97 8.39
C GLN C 22 -1.33 -46.12 7.31
N ASP C 23 -0.61 -47.24 7.35
CA ASP C 23 0.47 -47.56 6.38
C ASP C 23 -0.09 -47.35 4.97
N LYS C 24 0.67 -46.66 4.13
CA LYS C 24 0.42 -46.48 2.68
C LYS C 24 -0.97 -45.88 2.45
N ASP C 25 -1.38 -44.91 3.25
CA ASP C 25 -2.68 -44.22 3.01
C ASP C 25 -2.45 -43.00 2.13
N SER C 26 -1.21 -42.71 1.74
CA SER C 26 -0.92 -41.45 1.02
C SER C 26 0.36 -41.57 0.20
N LYS C 27 0.40 -40.77 -0.87
CA LYS C 27 1.61 -40.52 -1.66
C LYS C 27 2.07 -39.10 -1.37
N LEU C 28 3.16 -38.99 -0.63
CA LEU C 28 3.88 -37.71 -0.50
C LEU C 28 4.84 -37.65 -1.68
N THR C 29 4.66 -36.71 -2.60
CA THR C 29 5.67 -36.51 -3.66
C THR C 29 6.56 -35.39 -3.19
N LEU C 30 7.78 -35.74 -2.81
CA LEU C 30 8.74 -34.75 -2.28
C LEU C 30 10.03 -34.89 -3.07
N VAL C 31 10.46 -33.80 -3.68
CA VAL C 31 11.72 -33.73 -4.47
C VAL C 31 12.59 -32.66 -3.84
N LEU C 32 13.77 -33.07 -3.37
CA LEU C 32 14.79 -32.14 -2.80
C LEU C 32 15.95 -32.08 -3.78
N THR C 33 16.17 -30.92 -4.36
CA THR C 33 17.25 -30.74 -5.34
C THR C 33 18.27 -29.82 -4.72
N LYS C 34 19.53 -30.27 -4.68
CA LYS C 34 20.59 -29.48 -4.03
C LYS C 34 21.09 -28.45 -5.04
N CYS C 35 20.81 -27.17 -4.78
CA CYS C 35 21.40 -26.03 -5.53
C CYS C 35 22.39 -25.34 -4.59
N GLY C 36 23.55 -25.96 -4.42
CA GLY C 36 24.59 -25.51 -3.48
C GLY C 36 24.05 -25.36 -2.08
N SER C 37 24.13 -24.14 -1.53
CA SER C 37 23.80 -23.80 -0.14
C SER C 37 22.29 -23.90 0.13
N GLN C 38 21.46 -24.03 -0.91
CA GLN C 38 19.99 -24.10 -0.75
C GLN C 38 19.49 -25.41 -1.34
N ILE C 39 18.53 -26.02 -0.65
CA ILE C 39 17.72 -27.14 -1.16
C ILE C 39 16.44 -26.57 -1.75
N LEU C 40 16.21 -26.84 -3.01
CA LEU C 40 14.94 -26.48 -3.67
C LEU C 40 13.99 -27.66 -3.49
N ALA C 41 12.86 -27.42 -2.85
CA ALA C 41 11.93 -28.49 -2.44
C ALA C 41 10.63 -28.31 -3.20
N ASN C 42 10.11 -29.42 -3.69
CA ASN C 42 8.81 -29.43 -4.39
C ASN C 42 7.97 -30.51 -3.73
N VAL C 43 6.76 -30.16 -3.33
CA VAL C 43 5.94 -31.10 -2.51
C VAL C 43 4.49 -31.07 -2.98
N SER C 44 3.87 -32.25 -2.94
CA SER C 44 2.41 -32.41 -3.10
C SER C 44 2.00 -33.63 -2.31
N LEU C 45 0.70 -33.79 -2.13
CA LEU C 45 0.18 -34.90 -1.30
C LEU C 45 -1.09 -35.42 -1.94
N ILE C 46 -1.16 -36.74 -2.06
CA ILE C 46 -2.38 -37.48 -2.46
C ILE C 46 -2.71 -38.40 -1.30
N VAL C 47 -3.90 -38.26 -0.72
CA VAL C 47 -4.36 -39.24 0.30
C VAL C 47 -5.20 -40.26 -0.46
N VAL C 48 -4.81 -41.53 -0.43
CA VAL C 48 -5.47 -42.59 -1.24
C VAL C 48 -6.45 -43.39 -0.39
N ALA C 49 -6.33 -43.35 0.94
CA ALA C 49 -7.14 -44.20 1.81
C ALA C 49 -7.23 -43.62 3.22
N GLY C 50 -8.14 -44.16 4.03
CA GLY C 50 -8.25 -43.85 5.46
C GLY C 50 -8.99 -42.56 5.72
N ARG C 51 -8.88 -42.05 6.95
CA ARG C 51 -9.75 -40.99 7.50
C ARG C 51 -9.54 -39.67 6.75
N TYR C 52 -8.38 -39.45 6.13
CA TYR C 52 -8.03 -38.14 5.51
C TYR C 52 -8.24 -38.15 4.01
N LYS C 53 -8.71 -39.26 3.43
CA LYS C 53 -8.93 -39.34 1.96
C LYS C 53 -10.02 -38.34 1.57
N ILE C 54 -11.14 -38.39 2.26
CA ILE C 54 -12.32 -37.51 1.98
C ILE C 54 -12.63 -36.73 3.25
N ILE C 55 -12.39 -35.43 3.22
CA ILE C 55 -12.69 -34.55 4.37
C ILE C 55 -14.19 -34.26 4.39
N ASN C 56 -14.82 -34.48 5.53
CA ASN C 56 -16.21 -34.03 5.76
C ASN C 56 -16.29 -33.38 7.15
N ASN C 57 -16.20 -32.06 7.17
CA ASN C 57 -16.22 -31.25 8.40
C ASN C 57 -17.65 -31.05 8.93
N ASN C 58 -18.67 -31.56 8.24
CA ASN C 58 -20.02 -31.72 8.85
C ASN C 58 -19.96 -32.90 9.81
N THR C 59 -19.47 -34.04 9.35
CA THR C 59 -19.35 -35.30 10.13
C THR C 59 -18.26 -35.12 11.19
N ASN C 60 -17.14 -34.49 10.82
CA ASN C 60 -15.93 -34.37 11.69
C ASN C 60 -15.54 -32.90 11.77
N PRO C 61 -16.26 -32.08 12.56
CA PRO C 61 -16.00 -30.64 12.60
C PRO C 61 -14.60 -30.29 13.12
N ALA C 62 -13.94 -31.19 13.86
CA ALA C 62 -12.62 -30.97 14.48
C ALA C 62 -11.49 -31.48 13.59
N LEU C 63 -11.79 -32.14 12.46
CA LEU C 63 -10.75 -32.62 11.53
C LEU C 63 -10.23 -31.44 10.70
N LYS C 64 -9.13 -30.82 11.11
CA LYS C 64 -8.66 -29.55 10.48
C LYS C 64 -7.18 -29.64 10.13
N GLY C 65 -6.58 -30.80 10.24
CA GLY C 65 -5.19 -30.97 9.85
C GLY C 65 -4.62 -32.32 10.18
N PHE C 66 -3.38 -32.48 9.78
CA PHE C 66 -2.57 -33.67 10.11
C PHE C 66 -1.12 -33.32 9.78
N THR C 67 -0.23 -34.22 10.18
CA THR C 67 1.22 -34.00 10.11
C THR C 67 1.90 -35.17 9.42
N ILE C 68 2.88 -34.85 8.59
CA ILE C 68 3.83 -35.81 8.01
C ILE C 68 5.22 -35.38 8.45
N LYS C 69 5.97 -36.27 9.08
CA LYS C 69 7.33 -36.00 9.61
C LYS C 69 8.38 -36.84 8.87
N LEU C 70 9.44 -36.18 8.44
CA LEU C 70 10.69 -36.83 7.96
C LEU C 70 11.75 -36.59 9.05
N LEU C 71 12.17 -37.66 9.71
CA LEU C 71 13.20 -37.60 10.76
C LEU C 71 14.48 -38.17 10.18
N PHE C 72 15.61 -37.49 10.37
CA PHE C 72 16.91 -37.92 9.83
C PHE C 72 17.93 -38.05 10.95
N ASP C 73 18.83 -39.01 10.78
CA ASP C 73 19.97 -39.24 11.71
C ASP C 73 21.12 -38.33 11.32
N LYS C 74 22.28 -38.48 11.97
CA LYS C 74 23.41 -37.54 11.80
C LYS C 74 23.98 -37.61 10.38
N ASN C 75 23.69 -38.68 9.64
CA ASN C 75 24.17 -38.87 8.25
C ASN C 75 23.12 -38.43 7.23
N GLY C 76 22.00 -37.85 7.68
CA GLY C 76 20.90 -37.41 6.81
C GLY C 76 20.11 -38.60 6.25
N VAL C 77 20.23 -39.75 6.89
CA VAL C 77 19.47 -40.97 6.54
C VAL C 77 18.09 -40.89 7.19
N LEU C 78 17.04 -41.14 6.42
CA LEU C 78 15.64 -41.14 6.91
C LEU C 78 15.48 -42.24 7.96
N MET C 79 14.92 -41.89 9.10
CA MET C 79 14.66 -42.83 10.21
C MET C 79 13.30 -43.51 9.99
N GLU C 80 13.22 -44.77 10.40
CA GLU C 80 12.04 -45.66 10.26
C GLU C 80 10.81 -45.01 10.93
N SER C 81 11.00 -44.16 11.95
CA SER C 81 9.90 -43.52 12.72
C SER C 81 9.20 -42.43 11.89
N SER C 82 9.77 -42.05 10.74
CA SER C 82 9.17 -41.09 9.78
C SER C 82 7.82 -41.60 9.25
N ASN C 83 6.93 -40.69 8.91
CA ASN C 83 5.66 -41.01 8.21
C ASN C 83 5.96 -41.56 6.81
N LEU C 84 7.00 -41.02 6.16
CA LEU C 84 7.44 -41.48 4.82
C LEU C 84 8.15 -42.83 4.97
N GLY C 85 7.79 -43.81 4.13
CA GLY C 85 8.48 -45.12 4.11
C GLY C 85 9.91 -45.00 3.64
N LYS C 86 10.86 -45.70 4.28
CA LYS C 86 12.31 -45.62 3.94
C LYS C 86 12.60 -46.20 2.55
N SER C 87 11.87 -47.23 2.15
CA SER C 87 12.08 -47.91 0.85
C SER C 87 11.77 -46.96 -0.32
N TYR C 88 11.07 -45.86 -0.09
CA TYR C 88 10.59 -44.92 -1.13
C TYR C 88 11.48 -43.66 -1.23
N TRP C 89 12.54 -43.58 -0.44
CA TRP C 89 13.27 -42.31 -0.26
C TRP C 89 14.73 -42.52 -0.60
N ASN C 90 15.20 -41.96 -1.70
CA ASN C 90 16.61 -42.19 -2.12
C ASN C 90 17.00 -41.20 -3.20
N PHE C 91 18.29 -41.16 -3.51
CA PHE C 91 18.82 -40.42 -4.66
C PHE C 91 18.12 -40.93 -5.92
N ARG C 92 17.89 -40.00 -6.82
CA ARG C 92 17.23 -40.24 -8.11
C ARG C 92 18.10 -41.13 -9.01
N ASN C 93 17.43 -41.99 -9.76
CA ASN C 93 17.98 -42.58 -11.01
C ASN C 93 16.86 -42.57 -12.05
N GLN C 94 16.92 -41.60 -12.98
CA GLN C 94 15.88 -41.35 -14.02
C GLN C 94 14.54 -41.09 -13.30
N ASN C 95 13.51 -41.92 -13.48
CA ASN C 95 12.20 -41.73 -12.84
C ASN C 95 12.06 -42.64 -11.63
N SER C 96 13.16 -43.28 -11.22
CA SER C 96 13.15 -44.20 -10.07
C SER C 96 14.20 -43.74 -9.06
N ILE C 97 14.53 -44.63 -8.14
CA ILE C 97 15.52 -44.34 -7.07
C ILE C 97 16.66 -45.33 -7.23
N MET C 98 17.83 -44.95 -6.73
CA MET C 98 18.96 -45.89 -6.57
C MET C 98 18.44 -47.14 -5.85
N SER C 99 18.88 -48.33 -6.23
CA SER C 99 18.34 -49.62 -5.71
C SER C 99 18.89 -49.89 -4.30
N THR C 100 19.96 -49.20 -3.92
CA THR C 100 20.71 -49.38 -2.65
C THR C 100 20.55 -48.12 -1.79
N ALA C 101 20.28 -48.30 -0.50
CA ALA C 101 20.01 -47.21 0.46
C ALA C 101 21.23 -46.28 0.48
N TYR C 102 21.02 -44.97 0.43
CA TYR C 102 22.12 -43.99 0.57
C TYR C 102 22.65 -44.05 2.00
N GLU C 103 23.94 -43.77 2.17
CA GLU C 103 24.59 -43.76 3.49
C GLU C 103 24.73 -42.34 4.00
N LYS C 104 24.82 -41.34 3.12
CA LYS C 104 25.05 -39.93 3.54
C LYS C 104 24.28 -38.97 2.63
N ALA C 105 23.61 -38.00 3.24
CA ALA C 105 22.90 -36.91 2.52
C ALA C 105 22.93 -35.67 3.41
N ILE C 106 24.05 -35.41 4.09
CA ILE C 106 24.13 -34.23 5.00
C ILE C 106 23.94 -32.95 4.17
N GLY C 107 24.34 -32.95 2.89
CA GLY C 107 24.18 -31.78 2.01
C GLY C 107 22.73 -31.43 1.74
N PHE C 108 21.79 -32.30 2.09
CA PHE C 108 20.33 -32.10 1.89
C PHE C 108 19.66 -31.76 3.21
N MET C 109 20.40 -31.76 4.31
CA MET C 109 19.79 -31.59 5.64
C MET C 109 19.59 -30.10 5.90
N PRO C 110 18.53 -29.71 6.62
CA PRO C 110 18.34 -28.31 6.99
C PRO C 110 19.45 -27.87 7.94
N ASN C 111 20.03 -26.72 7.63
CA ASN C 111 21.18 -26.13 8.35
C ASN C 111 20.82 -25.96 9.83
N LEU C 112 21.67 -26.46 10.73
CA LEU C 112 21.38 -26.47 12.18
C LEU C 112 21.64 -25.09 12.79
N VAL C 113 22.48 -24.26 12.18
CA VAL C 113 22.68 -22.87 12.69
C VAL C 113 21.46 -22.05 12.29
N ALA C 114 21.02 -22.18 11.05
CA ALA C 114 19.80 -21.51 10.55
C ALA C 114 18.60 -22.00 11.37
N TYR C 115 18.54 -23.32 11.61
CA TYR C 115 17.34 -24.00 12.15
C TYR C 115 17.78 -24.91 13.29
N PRO C 116 18.08 -24.35 14.47
CA PRO C 116 18.58 -25.15 15.58
C PRO C 116 17.50 -26.07 16.16
N LYS C 117 17.95 -27.22 16.67
CA LYS C 117 17.08 -28.13 17.46
C LYS C 117 16.59 -27.35 18.68
N PRO C 118 15.37 -27.62 19.16
CA PRO C 118 14.84 -26.89 20.31
C PRO C 118 15.65 -27.25 21.56
N THR C 119 15.97 -26.25 22.38
CA THR C 119 16.56 -26.45 23.72
C THR C 119 15.79 -25.54 24.69
N THR C 120 15.60 -26.01 25.91
CA THR C 120 14.99 -25.23 27.01
C THR C 120 15.90 -24.02 27.28
N GLY C 121 15.32 -22.82 27.33
CA GLY C 121 16.04 -21.59 27.67
C GLY C 121 16.61 -20.89 26.45
N SER C 122 16.62 -21.56 25.29
CA SER C 122 17.09 -21.00 24.01
C SER C 122 15.90 -20.34 23.29
N LYS C 123 16.14 -19.18 22.68
CA LYS C 123 15.07 -18.41 21.97
C LYS C 123 14.70 -19.20 20.71
N LYS C 124 13.45 -19.61 20.58
CA LYS C 124 12.94 -20.30 19.37
C LYS C 124 12.50 -19.22 18.36
N TYR C 125 13.17 -19.15 17.22
CA TYR C 125 12.87 -18.17 16.14
C TYR C 125 12.02 -18.86 15.08
N ALA C 126 11.15 -18.11 14.43
CA ALA C 126 10.21 -18.63 13.42
C ALA C 126 10.91 -18.86 12.08
N ARG C 127 12.18 -18.54 11.93
CA ARG C 127 12.76 -18.62 10.57
C ARG C 127 12.92 -20.08 10.14
N ASP C 128 12.77 -21.04 11.06
CA ASP C 128 12.78 -22.49 10.74
C ASP C 128 11.42 -22.93 10.20
N ILE C 129 10.52 -22.00 9.91
CA ILE C 129 9.19 -22.31 9.33
C ILE C 129 9.09 -21.66 7.95
N VAL C 130 8.49 -22.38 7.02
CA VAL C 130 7.95 -21.77 5.78
C VAL C 130 6.49 -22.17 5.63
N TYR C 131 5.65 -21.19 5.40
CA TYR C 131 4.23 -21.36 5.08
C TYR C 131 4.03 -21.35 3.58
N GLY C 132 3.12 -22.20 3.14
CA GLY C 132 2.58 -22.14 1.78
C GLY C 132 1.14 -22.55 1.75
N ASN C 133 0.54 -22.41 0.59
CA ASN C 133 -0.84 -22.86 0.32
C ASN C 133 -0.77 -23.83 -0.85
N ILE C 134 -1.58 -24.86 -0.75
CA ILE C 134 -1.90 -25.76 -1.89
C ILE C 134 -3.42 -25.90 -1.93
N TYR C 135 -3.94 -26.43 -3.01
CA TYR C 135 -5.39 -26.41 -3.28
C TYR C 135 -5.87 -27.84 -3.52
N LEU C 136 -6.90 -28.24 -2.78
CA LEU C 136 -7.49 -29.58 -2.93
C LEU C 136 -8.19 -29.65 -4.28
N GLY C 137 -7.87 -30.69 -5.05
CA GLY C 137 -8.48 -30.93 -6.38
C GLY C 137 -8.12 -29.84 -7.36
N GLY C 138 -7.11 -29.01 -7.05
CA GLY C 138 -6.72 -27.88 -7.91
C GLY C 138 -7.80 -26.81 -7.97
N LYS C 139 -8.74 -26.81 -7.04
CA LYS C 139 -9.84 -25.81 -7.02
C LYS C 139 -9.41 -24.61 -6.21
N PRO C 140 -9.54 -23.39 -6.78
CA PRO C 140 -8.98 -22.20 -6.13
C PRO C 140 -9.70 -21.85 -4.82
N HIS C 141 -10.91 -22.35 -4.60
CA HIS C 141 -11.71 -22.11 -3.36
C HIS C 141 -11.48 -23.19 -2.31
N GLN C 142 -10.48 -24.08 -2.51
CA GLN C 142 -10.20 -25.17 -1.55
C GLN C 142 -8.75 -25.08 -1.09
N PRO C 143 -8.33 -23.94 -0.52
CA PRO C 143 -6.97 -23.81 -0.01
C PRO C 143 -6.75 -24.68 1.22
N VAL C 144 -5.54 -25.19 1.37
CA VAL C 144 -5.06 -25.73 2.66
C VAL C 144 -3.67 -25.15 2.88
N THR C 145 -3.35 -24.97 4.14
CA THR C 145 -2.04 -24.44 4.56
C THR C 145 -1.11 -25.63 4.69
N ILE C 146 0.05 -25.52 4.06
CA ILE C 146 1.17 -26.47 4.30
C ILE C 146 2.26 -25.68 5.02
N LYS C 147 2.46 -26.02 6.28
CA LYS C 147 3.50 -25.41 7.12
C LYS C 147 4.66 -26.39 7.18
N THR C 148 5.84 -25.96 6.78
CA THR C 148 7.06 -26.78 6.82
C THR C 148 7.97 -26.25 7.91
N THR C 149 8.40 -27.11 8.80
CA THR C 149 9.27 -26.73 9.94
C THR C 149 10.54 -27.57 9.89
N PHE C 150 11.69 -26.93 10.10
CA PHE C 150 13.02 -27.58 10.02
C PHE C 150 13.55 -27.83 11.43
N ASN C 151 13.97 -29.07 11.66
CA ASN C 151 14.80 -29.49 12.82
C ASN C 151 14.07 -29.22 14.15
N GLN C 152 12.74 -29.36 14.23
CA GLN C 152 12.05 -29.14 15.51
C GLN C 152 11.63 -30.46 16.14
N GLU C 153 11.87 -31.61 15.50
CA GLU C 153 11.46 -32.93 16.05
C GLU C 153 12.52 -33.47 17.00
N THR C 154 12.10 -34.14 18.06
CA THR C 154 13.00 -34.83 19.02
C THR C 154 13.37 -36.19 18.42
N GLY C 155 14.38 -36.84 18.99
CA GLY C 155 14.79 -38.21 18.64
C GLY C 155 15.35 -38.27 17.23
N CYS C 156 16.04 -37.23 16.79
CA CYS C 156 16.67 -37.19 15.44
C CYS C 156 17.72 -36.08 15.43
N GLU C 157 18.55 -36.02 14.40
CA GLU C 157 19.55 -34.93 14.25
C GLU C 157 18.96 -33.82 13.40
N TYR C 158 18.14 -34.17 12.42
CA TYR C 158 17.48 -33.23 11.50
C TYR C 158 16.05 -33.68 11.27
N SER C 159 15.19 -32.75 10.88
CA SER C 159 13.78 -33.08 10.57
C SER C 159 13.18 -32.08 9.61
N ILE C 160 12.26 -32.58 8.79
CA ILE C 160 11.36 -31.76 7.97
C ILE C 160 9.96 -32.21 8.33
N THR C 161 9.17 -31.29 8.85
CA THR C 161 7.80 -31.57 9.31
C THR C 161 6.84 -30.81 8.41
N PHE C 162 5.85 -31.50 7.87
CA PHE C 162 4.75 -30.89 7.10
C PHE C 162 3.49 -30.95 7.94
N ASP C 163 3.01 -29.79 8.38
CA ASP C 163 1.71 -29.65 9.07
C ASP C 163 0.72 -29.11 8.03
N PHE C 164 -0.30 -29.90 7.72
CA PHE C 164 -1.41 -29.54 6.81
C PHE C 164 -2.56 -29.11 7.67
N SER C 165 -3.17 -27.98 7.34
CA SER C 165 -4.28 -27.42 8.13
C SER C 165 -5.20 -26.65 7.21
N TRP C 166 -6.45 -26.55 7.62
CA TRP C 166 -7.44 -25.71 6.89
C TRP C 166 -8.41 -25.12 7.91
N ALA C 167 -9.06 -24.03 7.55
CA ALA C 167 -10.01 -23.31 8.42
C ALA C 167 -11.41 -23.36 7.83
N LYS C 168 -11.52 -23.64 6.53
CA LYS C 168 -12.81 -23.77 5.84
C LYS C 168 -13.48 -25.07 6.29
N THR C 169 -14.80 -25.11 6.21
CA THR C 169 -15.60 -26.35 6.38
C THR C 169 -15.62 -27.06 5.03
N TYR C 170 -14.78 -28.08 4.87
CA TYR C 170 -14.78 -28.91 3.64
C TYR C 170 -15.71 -30.10 3.83
N VAL C 171 -16.59 -30.27 2.85
CA VAL C 171 -17.65 -31.31 2.87
C VAL C 171 -17.43 -32.21 1.66
N ASN C 172 -17.02 -33.46 1.90
CA ASN C 172 -16.82 -34.48 0.83
C ASN C 172 -15.76 -33.95 -0.13
N VAL C 173 -14.64 -33.48 0.38
CA VAL C 173 -13.53 -32.95 -0.45
C VAL C 173 -12.37 -33.92 -0.39
N GLU C 174 -11.96 -34.45 -1.54
CA GLU C 174 -10.85 -35.40 -1.62
C GLU C 174 -9.54 -34.67 -1.31
N PHE C 175 -8.73 -35.21 -0.41
CA PHE C 175 -7.43 -34.60 -0.06
C PHE C 175 -6.36 -35.02 -1.06
N GLU C 176 -6.28 -34.30 -2.16
CA GLU C 176 -5.18 -34.48 -3.16
C GLU C 176 -4.89 -33.09 -3.73
N THR C 177 -3.62 -32.71 -3.74
CA THR C 177 -3.23 -31.29 -3.71
C THR C 177 -2.48 -30.87 -4.97
N THR C 178 -2.49 -29.56 -5.20
CA THR C 178 -1.53 -28.90 -6.08
C THR C 178 -0.15 -28.97 -5.44
N SER C 179 0.85 -28.53 -6.17
CA SER C 179 2.27 -28.58 -5.76
C SER C 179 2.69 -27.23 -5.18
N PHE C 180 3.66 -27.28 -4.28
CA PHE C 180 4.26 -26.09 -3.66
C PHE C 180 5.77 -26.23 -3.71
N THR C 181 6.45 -25.15 -4.03
CA THR C 181 7.92 -25.08 -4.00
C THR C 181 8.35 -24.18 -2.86
N PHE C 182 9.39 -24.60 -2.15
CA PHE C 182 10.06 -23.75 -1.14
C PHE C 182 11.55 -24.09 -1.19
N SER C 183 12.32 -23.44 -0.37
CA SER C 183 13.75 -23.76 -0.24
C SER C 183 14.11 -23.67 1.23
N TYR C 184 15.26 -24.22 1.56
CA TYR C 184 15.86 -24.06 2.89
C TYR C 184 17.37 -24.09 2.75
N ILE C 185 18.00 -23.54 3.75
CA ILE C 185 19.48 -23.44 3.84
C ILE C 185 20.01 -24.84 4.18
N ALA C 186 20.98 -25.29 3.42
CA ALA C 186 21.56 -26.65 3.55
C ALA C 186 22.63 -26.65 4.65
N GLN C 187 22.74 -27.77 5.35
CA GLN C 187 23.74 -27.99 6.43
C GLN C 187 25.17 -27.86 5.88
N GLU C 188 25.44 -28.41 4.71
CA GLU C 188 26.76 -28.26 4.05
C GLU C 188 26.55 -28.26 2.53
N LYS D 5 -6.08 39.53 -7.57
CA LYS D 5 -7.19 38.57 -7.79
C LYS D 5 -7.30 37.64 -6.57
N LEU D 6 -7.97 36.50 -6.70
CA LEU D 6 -8.38 35.65 -5.57
C LEU D 6 -7.45 34.45 -5.42
N THR D 7 -6.42 34.32 -6.27
CA THR D 7 -5.36 33.30 -6.09
C THR D 7 -3.97 33.94 -6.08
N LEU D 8 -3.27 33.71 -4.99
CA LEU D 8 -1.83 34.02 -4.83
C LEU D 8 -1.10 32.69 -4.84
N TRP D 9 -0.18 32.49 -5.78
CA TRP D 9 0.44 31.16 -5.90
C TRP D 9 1.87 31.21 -6.43
N THR D 10 2.52 30.06 -6.31
CA THR D 10 3.66 29.64 -7.15
C THR D 10 3.03 28.96 -8.35
N THR D 11 3.44 29.27 -9.54
CA THR D 11 2.98 28.50 -10.72
C THR D 11 3.00 27.01 -10.36
N PRO D 12 2.17 26.20 -11.01
CA PRO D 12 2.20 24.75 -10.77
C PRO D 12 3.28 23.97 -11.52
N ASP D 13 4.23 24.62 -12.22
CA ASP D 13 5.31 23.90 -12.93
C ASP D 13 6.28 23.36 -11.87
N THR D 14 7.34 22.67 -12.30
CA THR D 14 8.30 22.03 -11.37
C THR D 14 9.61 22.81 -11.35
N SER D 15 9.65 24.01 -11.93
CA SER D 15 10.84 24.90 -11.91
C SER D 15 11.15 25.28 -10.46
N PRO D 16 12.38 25.01 -9.96
CA PRO D 16 12.70 25.31 -8.57
C PRO D 16 12.49 26.81 -8.28
N ASN D 17 12.01 27.11 -7.08
CA ASN D 17 11.59 28.49 -6.69
C ASN D 17 11.93 28.78 -5.23
N CYS D 18 12.67 27.91 -4.56
CA CYS D 18 12.78 27.93 -3.09
C CYS D 18 14.19 27.49 -2.68
N ARG D 19 14.71 28.09 -1.62
CA ARG D 19 16.01 27.75 -1.01
C ARG D 19 15.71 27.21 0.39
N ILE D 20 15.95 25.94 0.63
CA ILE D 20 15.94 25.37 2.01
C ILE D 20 17.35 25.53 2.58
N ASP D 21 18.33 25.00 1.85
CA ASP D 21 19.76 25.08 2.21
C ASP D 21 20.48 25.99 1.21
N GLN D 22 20.25 25.82 -0.09
CA GLN D 22 20.96 26.57 -1.17
C GLN D 22 19.94 27.06 -2.21
N ASP D 23 20.31 28.10 -2.95
CA ASP D 23 19.44 28.74 -3.97
C ASP D 23 18.82 27.65 -4.85
N LYS D 24 17.50 27.71 -5.05
CA LYS D 24 16.76 26.88 -6.02
C LYS D 24 17.01 25.39 -5.79
N ASP D 25 17.03 24.97 -4.52
CA ASP D 25 17.19 23.53 -4.21
C ASP D 25 15.82 22.86 -4.12
N SER D 26 14.73 23.60 -4.31
CA SER D 26 13.38 23.03 -4.09
C SER D 26 12.32 23.78 -4.88
N LYS D 27 11.24 23.06 -5.17
CA LYS D 27 9.98 23.63 -5.70
C LYS D 27 8.93 23.50 -4.62
N LEU D 28 8.61 24.63 -3.99
CA LEU D 28 7.43 24.72 -3.10
C LEU D 28 6.25 25.05 -4.00
N THR D 29 5.27 24.16 -4.09
CA THR D 29 4.03 24.48 -4.83
C THR D 29 3.02 24.90 -3.77
N LEU D 30 2.76 26.19 -3.69
CA LEU D 30 1.84 26.75 -2.68
C LEU D 30 0.79 27.59 -3.40
N VAL D 31 -0.48 27.24 -3.20
CA VAL D 31 -1.64 27.93 -3.81
C VAL D 31 -2.54 28.40 -2.69
N LEU D 32 -2.73 29.71 -2.62
CA LEU D 32 -3.60 30.38 -1.62
C LEU D 32 -4.78 30.94 -2.38
N THR D 33 -5.97 30.47 -2.06
CA THR D 33 -7.21 30.93 -2.70
C THR D 33 -8.05 31.62 -1.63
N LYS D 34 -8.43 32.87 -1.88
CA LYS D 34 -9.19 33.65 -0.91
C LYS D 34 -10.68 33.30 -1.03
N CYS D 35 -11.21 32.67 0.01
N CYS D 35 -11.23 32.67 0.02
CA CYS D 35 -12.67 32.42 0.20
CA CYS D 35 -12.69 32.44 0.20
C CYS D 35 -13.17 33.34 1.32
C CYS D 35 -13.17 33.35 1.33
N GLY D 36 -13.34 34.62 0.98
CA GLY D 36 -13.70 35.66 1.96
C GLY D 36 -12.67 35.70 3.06
N SER D 37 -13.07 35.60 4.31
CA SER D 37 -12.12 35.83 5.45
C SER D 37 -11.34 34.54 5.74
N GLN D 38 -11.29 33.58 4.84
CA GLN D 38 -10.49 32.36 5.02
C GLN D 38 -9.72 32.10 3.73
N ILE D 39 -8.45 31.74 3.89
CA ILE D 39 -7.54 31.37 2.78
C ILE D 39 -7.52 29.84 2.73
N LEU D 40 -7.89 29.30 1.59
CA LEU D 40 -7.77 27.86 1.31
C LEU D 40 -6.37 27.62 0.71
N ALA D 41 -5.56 26.80 1.36
CA ALA D 41 -4.13 26.64 1.04
C ALA D 41 -3.89 25.20 0.60
N ASN D 42 -3.12 25.05 -0.45
CA ASN D 42 -2.73 23.73 -0.96
C ASN D 42 -1.22 23.77 -1.11
N VAL D 43 -0.52 22.78 -0.55
CA VAL D 43 0.96 22.83 -0.49
C VAL D 43 1.54 21.45 -0.80
N SER D 44 2.63 21.45 -1.53
CA SER D 44 3.50 20.26 -1.71
C SER D 44 4.92 20.77 -1.84
N LEU D 45 5.87 19.84 -1.75
CA LEU D 45 7.29 20.21 -1.82
C LEU D 45 8.03 19.16 -2.62
N ILE D 46 8.85 19.62 -3.54
CA ILE D 46 9.84 18.78 -4.25
C ILE D 46 11.21 19.36 -3.93
N VAL D 47 12.08 18.58 -3.33
CA VAL D 47 13.51 19.00 -3.15
C VAL D 47 14.27 18.47 -4.36
N VAL D 48 14.88 19.36 -5.14
CA VAL D 48 15.49 19.00 -6.44
C VAL D 48 17.01 18.88 -6.29
N ALA D 49 17.60 19.42 -5.22
CA ALA D 49 19.07 19.43 -5.05
C ALA D 49 19.43 19.61 -3.58
N GLY D 50 20.70 19.39 -3.26
CA GLY D 50 21.28 19.71 -1.95
C GLY D 50 20.99 18.63 -0.92
N ARG D 51 21.19 18.96 0.35
CA ARG D 51 21.28 17.97 1.45
C ARG D 51 19.92 17.31 1.68
N TYR D 52 18.79 17.91 1.29
CA TYR D 52 17.45 17.36 1.61
C TYR D 52 16.87 16.59 0.40
N LYS D 53 17.58 16.51 -0.72
CA LYS D 53 17.03 15.87 -1.93
C LYS D 53 16.80 14.38 -1.66
N ILE D 54 17.83 13.70 -1.17
CA ILE D 54 17.77 12.25 -0.87
C ILE D 54 18.13 12.06 0.59
N ILE D 55 17.15 11.72 1.41
CA ILE D 55 17.34 11.48 2.85
C ILE D 55 18.01 10.12 3.05
N ASN D 56 19.10 10.09 3.78
CA ASN D 56 19.70 8.83 4.25
C ASN D 56 20.05 8.97 5.73
N ASN D 57 19.17 8.49 6.60
CA ASN D 57 19.31 8.58 8.07
C ASN D 57 20.24 7.49 8.61
N ASN D 58 20.76 6.60 7.75
CA ASN D 58 21.93 5.76 8.13
C ASN D 58 23.17 6.64 8.11
N THR D 59 23.38 7.35 7.01
CA THR D 59 24.53 8.26 6.81
C THR D 59 24.39 9.48 7.75
N ASN D 60 23.19 10.01 7.86
CA ASN D 60 22.91 11.29 8.58
C ASN D 60 21.78 11.05 9.57
N PRO D 61 22.06 10.40 10.72
CA PRO D 61 21.01 10.02 11.66
C PRO D 61 20.27 11.23 12.28
N ALA D 62 20.89 12.41 12.25
CA ALA D 62 20.33 13.66 12.84
C ALA D 62 19.55 14.48 11.81
N LEU D 63 19.52 14.09 10.54
CA LEU D 63 18.76 14.83 9.49
C LEU D 63 17.28 14.49 9.61
N LYS D 64 16.50 15.30 10.34
CA LYS D 64 15.10 14.90 10.69
C LYS D 64 14.10 16.02 10.41
N GLY D 65 14.54 17.10 9.77
CA GLY D 65 13.60 18.17 9.42
C GLY D 65 14.27 19.42 8.94
N PHE D 66 13.46 20.35 8.49
CA PHE D 66 13.90 21.64 7.96
C PHE D 66 12.68 22.53 7.87
N THR D 67 12.94 23.80 7.60
CA THR D 67 11.92 24.86 7.64
C THR D 67 11.93 25.64 6.34
N ILE D 68 10.74 25.98 5.87
CA ILE D 68 10.54 26.96 4.78
C ILE D 68 9.67 28.08 5.36
N LYS D 69 10.17 29.30 5.26
CA LYS D 69 9.51 30.51 5.82
C LYS D 69 9.10 31.45 4.69
N LEU D 70 7.83 31.89 4.74
CA LEU D 70 7.34 33.05 3.97
C LEU D 70 7.16 34.21 4.96
N LEU D 71 7.95 35.24 4.78
CA LEU D 71 7.90 36.46 5.63
C LEU D 71 7.27 37.55 4.78
N PHE D 72 6.29 38.26 5.34
CA PHE D 72 5.57 39.32 4.61
C PHE D 72 5.64 40.62 5.39
N ASP D 73 5.71 41.71 4.64
CA ASP D 73 5.69 43.08 5.20
C ASP D 73 4.24 43.51 5.44
N LYS D 74 4.03 44.76 5.82
CA LYS D 74 2.70 45.26 6.24
C LYS D 74 1.71 45.24 5.06
N ASN D 75 2.20 45.20 3.81
CA ASN D 75 1.34 45.16 2.61
C ASN D 75 1.12 43.73 2.12
N GLY D 76 1.61 42.73 2.85
CA GLY D 76 1.49 41.32 2.46
C GLY D 76 2.43 40.97 1.33
N VAL D 77 3.45 41.80 1.08
CA VAL D 77 4.49 41.55 0.06
C VAL D 77 5.54 40.61 0.66
N LEU D 78 5.91 39.58 -0.08
CA LEU D 78 6.92 38.60 0.35
C LEU D 78 8.27 39.31 0.49
N MET D 79 8.93 39.10 1.63
CA MET D 79 10.26 39.69 1.91
C MET D 79 11.36 38.78 1.35
N GLU D 80 12.44 39.39 0.89
CA GLU D 80 13.58 38.71 0.23
C GLU D 80 14.19 37.67 1.18
N SER D 81 14.06 37.82 2.50
CA SER D 81 14.64 36.91 3.52
C SER D 81 13.88 35.57 3.55
N SER D 82 12.72 35.48 2.87
CA SER D 82 11.92 34.26 2.76
C SER D 82 12.71 33.18 2.02
N ASN D 83 12.43 31.93 2.33
CA ASN D 83 13.01 30.78 1.60
C ASN D 83 12.48 30.79 0.17
N LEU D 84 11.20 31.14 -0.02
CA LEU D 84 10.56 31.22 -1.36
C LEU D 84 11.08 32.43 -2.11
N GLY D 85 11.51 32.25 -3.37
CA GLY D 85 12.00 33.34 -4.22
C GLY D 85 10.87 34.30 -4.58
N LYS D 86 11.13 35.62 -4.54
CA LYS D 86 10.11 36.66 -4.77
C LYS D 86 9.56 36.64 -6.21
N SER D 87 10.42 36.35 -7.17
CA SER D 87 10.05 36.35 -8.61
C SER D 87 9.00 35.26 -8.91
N TYR D 88 8.81 34.28 -8.01
CA TYR D 88 7.93 33.11 -8.23
C TYR D 88 6.58 33.25 -7.52
N TRP D 89 6.36 34.35 -6.83
CA TRP D 89 5.21 34.47 -5.92
C TRP D 89 4.37 35.65 -6.33
N ASN D 90 3.17 35.38 -6.86
CA ASN D 90 2.33 36.48 -7.37
C ASN D 90 0.92 35.97 -7.58
N PHE D 91 0.01 36.89 -7.84
CA PHE D 91 -1.37 36.56 -8.25
C PHE D 91 -1.29 35.77 -9.54
N ARG D 92 -2.21 34.82 -9.66
CA ARG D 92 -2.31 33.92 -10.82
C ARG D 92 -2.66 34.69 -12.09
N ASN D 93 -2.08 34.27 -13.19
CA ASN D 93 -2.56 34.57 -14.55
C ASN D 93 -2.46 33.26 -15.36
N GLN D 94 -3.58 32.56 -15.51
CA GLN D 94 -3.68 31.23 -16.18
C GLN D 94 -2.75 30.25 -15.46
N ASN D 95 -1.73 29.69 -16.11
CA ASN D 95 -0.78 28.76 -15.44
C ASN D 95 0.52 29.47 -15.07
N SER D 96 0.51 30.80 -15.14
CA SER D 96 1.68 31.63 -14.78
C SER D 96 1.24 32.64 -13.71
N ILE D 97 1.97 33.72 -13.63
CA ILE D 97 1.73 34.79 -12.62
C ILE D 97 1.54 36.08 -13.40
N MET D 98 0.87 37.05 -12.77
CA MET D 98 0.87 38.46 -13.22
C MET D 98 2.31 38.87 -13.52
N SER D 99 2.54 39.66 -14.57
CA SER D 99 3.89 40.01 -15.08
C SER D 99 4.53 41.07 -14.17
N THR D 100 3.73 41.77 -13.36
CA THR D 100 4.18 42.85 -12.45
C THR D 100 3.99 42.40 -10.99
N ALA D 101 4.99 42.65 -10.14
CA ALA D 101 4.98 42.28 -8.71
C ALA D 101 3.78 42.92 -8.04
N TYR D 102 3.03 42.18 -7.23
CA TYR D 102 1.85 42.74 -6.54
C TYR D 102 2.35 43.72 -5.48
N GLU D 103 1.53 44.74 -5.18
CA GLU D 103 1.86 45.75 -4.15
C GLU D 103 1.09 45.48 -2.88
N LYS D 104 -0.06 44.80 -2.95
CA LYS D 104 -0.90 44.55 -1.75
C LYS D 104 -1.54 43.17 -1.82
N ALA D 105 -1.48 42.43 -0.71
CA ALA D 105 -2.15 41.13 -0.55
C ALA D 105 -2.52 40.95 0.92
N ILE D 106 -2.97 42.01 1.58
CA ILE D 106 -3.30 41.90 3.03
C ILE D 106 -4.46 40.91 3.20
N GLY D 107 -5.33 40.77 2.20
CA GLY D 107 -6.44 39.81 2.23
C GLY D 107 -5.99 38.36 2.26
N PHE D 108 -4.71 38.09 2.01
CA PHE D 108 -4.12 36.72 2.02
C PHE D 108 -3.29 36.53 3.28
N MET D 109 -3.15 37.55 4.11
CA MET D 109 -2.24 37.47 5.27
C MET D 109 -2.96 36.78 6.41
N PRO D 110 -2.26 35.98 7.24
CA PRO D 110 -2.87 35.37 8.41
C PRO D 110 -3.28 36.46 9.41
N ASN D 111 -4.53 36.34 9.88
CA ASN D 111 -5.18 37.33 10.77
C ASN D 111 -4.35 37.49 12.05
N LEU D 112 -4.02 38.73 12.42
CA LEU D 112 -3.12 39.00 13.56
C LEU D 112 -3.86 38.85 14.88
N VAL D 113 -5.19 38.99 14.89
CA VAL D 113 -5.96 38.78 16.15
C VAL D 113 -6.02 37.26 16.38
N ALA D 114 -6.32 36.49 15.34
CA ALA D 114 -6.34 35.01 15.41
C ALA D 114 -4.94 34.52 15.76
N TYR D 115 -3.92 35.10 15.14
CA TYR D 115 -2.52 34.59 15.17
C TYR D 115 -1.58 35.75 15.49
N PRO D 116 -1.52 36.17 16.76
CA PRO D 116 -0.70 37.31 17.14
C PRO D 116 0.79 36.99 17.04
N LYS D 117 1.58 38.03 16.74
CA LYS D 117 3.05 37.98 16.79
C LYS D 117 3.48 37.57 18.18
N PRO D 118 4.59 36.84 18.33
CA PRO D 118 5.10 36.46 19.64
C PRO D 118 5.57 37.71 20.37
N THR D 119 5.27 37.79 21.66
CA THR D 119 5.79 38.83 22.57
C THR D 119 6.24 38.13 23.86
N THR D 120 7.30 38.63 24.48
CA THR D 120 7.81 38.12 25.77
C THR D 120 6.71 38.36 26.82
N GLY D 121 6.34 37.33 27.58
CA GLY D 121 5.37 37.42 28.68
C GLY D 121 3.92 37.28 28.21
N SER D 122 3.74 36.97 26.93
CA SER D 122 2.41 36.72 26.31
C SER D 122 2.05 35.23 26.51
N LYS D 123 0.78 34.94 26.80
CA LYS D 123 0.24 33.56 26.70
C LYS D 123 0.27 33.15 25.23
N LYS D 124 1.04 32.11 24.90
CA LYS D 124 1.16 31.61 23.51
C LYS D 124 0.07 30.55 23.34
N TYR D 125 -0.90 30.78 22.46
CA TYR D 125 -1.97 29.80 22.14
C TYR D 125 -1.58 29.05 20.87
N ALA D 126 -1.98 27.78 20.81
CA ALA D 126 -1.61 26.86 19.72
C ALA D 126 -2.47 27.09 18.48
N ARG D 127 -3.47 27.98 18.51
CA ARG D 127 -4.41 27.99 17.37
C ARG D 127 -3.72 28.55 16.11
N ASP D 128 -2.54 29.14 16.24
CA ASP D 128 -1.73 29.62 15.10
C ASP D 128 -0.96 28.48 14.45
N ILE D 129 -1.24 27.24 14.84
CA ILE D 129 -0.60 26.03 14.26
C ILE D 129 -1.67 25.17 13.58
N VAL D 130 -1.32 24.62 12.42
CA VAL D 130 -2.06 23.48 11.86
C VAL D 130 -1.04 22.39 11.55
N TYR D 131 -1.35 21.19 12.02
CA TYR D 131 -0.56 19.97 11.68
C TYR D 131 -1.19 19.25 10.50
N GLY D 132 -0.33 18.69 9.66
CA GLY D 132 -0.73 17.75 8.60
C GLY D 132 0.36 16.71 8.41
N ASN D 133 0.02 15.70 7.64
CA ASN D 133 0.99 14.71 7.11
C ASN D 133 1.01 14.82 5.60
N ILE D 134 2.19 14.67 5.05
CA ILE D 134 2.37 14.38 3.61
C ILE D 134 3.30 13.18 3.51
N TYR D 135 3.37 12.57 2.34
CA TYR D 135 4.02 11.26 2.17
C TYR D 135 5.08 11.38 1.09
N LEU D 136 6.29 10.95 1.42
CA LEU D 136 7.40 10.98 0.47
C LEU D 136 7.13 9.94 -0.60
N GLY D 137 7.23 10.38 -1.87
CA GLY D 137 7.07 9.46 -3.01
C GLY D 137 5.64 8.93 -3.09
N GLY D 138 4.69 9.51 -2.35
CA GLY D 138 3.31 9.05 -2.31
C GLY D 138 3.17 7.69 -1.64
N LYS D 139 4.18 7.24 -0.91
CA LYS D 139 4.16 5.92 -0.24
C LYS D 139 3.53 6.06 1.15
N PRO D 140 2.54 5.21 1.48
CA PRO D 140 1.77 5.39 2.71
C PRO D 140 2.63 5.20 3.98
N HIS D 141 3.75 4.48 3.88
CA HIS D 141 4.62 4.23 5.07
C HIS D 141 5.81 5.19 5.06
N GLN D 142 5.73 6.30 4.34
CA GLN D 142 6.79 7.35 4.38
C GLN D 142 6.17 8.69 4.77
N PRO D 143 5.50 8.76 5.94
CA PRO D 143 4.94 10.01 6.40
C PRO D 143 6.03 10.99 6.79
N VAL D 144 5.72 12.27 6.56
CA VAL D 144 6.45 13.38 7.20
C VAL D 144 5.38 14.32 7.75
N THR D 145 5.73 14.97 8.84
CA THR D 145 4.87 15.96 9.48
C THR D 145 5.14 17.29 8.82
N ILE D 146 4.08 17.96 8.38
CA ILE D 146 4.17 19.37 7.94
C ILE D 146 3.40 20.17 8.98
N LYS D 147 4.13 20.96 9.73
CA LYS D 147 3.56 21.86 10.74
C LYS D 147 3.57 23.26 10.14
N THR D 148 2.40 23.89 10.05
CA THR D 148 2.26 25.26 9.53
C THR D 148 1.95 26.17 10.69
N THR D 149 2.74 27.24 10.83
CA THR D 149 2.57 28.22 11.91
C THR D 149 2.37 29.59 11.29
N PHE D 150 1.43 30.36 11.84
CA PHE D 150 1.08 31.71 11.34
C PHE D 150 1.66 32.78 12.25
N ASN D 151 2.37 33.73 11.65
CA ASN D 151 2.77 35.01 12.29
C ASN D 151 3.68 34.77 13.50
N GLN D 152 4.55 33.74 13.48
CA GLN D 152 5.45 33.49 14.64
C GLN D 152 6.86 33.94 14.28
N GLU D 153 7.11 34.49 13.10
CA GLU D 153 8.48 34.94 12.72
C GLU D 153 8.65 36.41 13.15
N THR D 154 9.85 36.75 13.61
CA THR D 154 10.24 38.16 13.90
C THR D 154 10.67 38.82 12.58
N GLY D 155 10.82 40.14 12.58
CA GLY D 155 11.35 40.91 11.43
C GLY D 155 10.41 40.87 10.24
N CYS D 156 9.11 40.82 10.49
CA CYS D 156 8.06 40.84 9.45
C CYS D 156 6.75 41.24 10.13
N GLU D 157 5.72 41.54 9.34
CA GLU D 157 4.37 41.84 9.89
C GLU D 157 3.55 40.56 9.93
N TYR D 158 3.75 39.67 8.96
CA TYR D 158 3.03 38.39 8.86
C TYR D 158 3.99 37.31 8.40
N SER D 159 3.69 36.07 8.73
CA SER D 159 4.52 34.94 8.28
C SER D 159 3.70 33.66 8.17
N ILE D 160 4.12 32.81 7.25
CA ILE D 160 3.69 31.39 7.17
C ILE D 160 4.96 30.57 7.21
N THR D 161 5.06 29.72 8.21
CA THR D 161 6.24 28.88 8.44
C THR D 161 5.82 27.43 8.26
N PHE D 162 6.54 26.70 7.40
CA PHE D 162 6.37 25.25 7.22
C PHE D 162 7.56 24.56 7.85
N ASP D 163 7.30 23.82 8.93
CA ASP D 163 8.32 22.95 9.58
C ASP D 163 8.02 21.52 9.13
N PHE D 164 8.98 20.93 8.42
CA PHE D 164 8.92 19.52 7.95
C PHE D 164 9.75 18.70 8.90
N SER D 165 9.21 17.58 9.35
CA SER D 165 9.95 16.70 10.30
C SER D 165 9.52 15.26 10.06
N TRP D 166 10.39 14.34 10.41
CA TRP D 166 10.03 12.90 10.37
C TRP D 166 10.74 12.18 11.51
N ALA D 167 10.15 11.05 11.89
CA ALA D 167 10.52 10.26 13.07
C ALA D 167 10.68 8.81 12.63
N LYS D 168 10.90 8.54 11.34
CA LYS D 168 11.35 7.23 10.83
C LYS D 168 12.78 7.39 10.32
N THR D 169 13.51 6.29 10.27
CA THR D 169 14.85 6.25 9.64
C THR D 169 14.63 6.03 8.14
N TYR D 170 14.68 7.08 7.35
CA TYR D 170 14.52 7.02 5.89
C TYR D 170 15.88 6.85 5.25
N VAL D 171 15.97 5.84 4.37
CA VAL D 171 17.21 5.43 3.73
C VAL D 171 17.05 5.58 2.23
N ASN D 172 17.75 6.53 1.63
CA ASN D 172 17.76 6.75 0.17
C ASN D 172 16.33 7.08 -0.27
N VAL D 173 15.66 7.99 0.44
CA VAL D 173 14.26 8.39 0.12
C VAL D 173 14.28 9.79 -0.46
N GLU D 174 13.79 9.95 -1.68
CA GLU D 174 13.72 11.27 -2.34
C GLU D 174 12.68 12.12 -1.62
N PHE D 175 13.05 13.35 -1.22
CA PHE D 175 12.11 14.26 -0.53
C PHE D 175 11.25 14.99 -1.57
N GLU D 176 10.16 14.34 -1.95
CA GLU D 176 9.14 14.94 -2.84
C GLU D 176 7.80 14.36 -2.38
N THR D 177 6.83 15.23 -2.16
CA THR D 177 5.70 14.95 -1.24
C THR D 177 4.37 14.92 -1.98
N THR D 178 3.40 14.29 -1.32
CA THR D 178 1.97 14.43 -1.63
C THR D 178 1.58 15.85 -1.22
N SER D 179 0.34 16.20 -1.54
CA SER D 179 -0.23 17.54 -1.29
C SER D 179 -1.04 17.52 0.01
N PHE D 180 -1.13 18.68 0.64
CA PHE D 180 -1.90 18.90 1.87
C PHE D 180 -2.67 20.20 1.71
N THR D 181 -3.94 20.15 2.11
CA THR D 181 -4.81 21.34 2.11
C THR D 181 -5.10 21.73 3.55
N PHE D 182 -5.07 23.03 3.81
CA PHE D 182 -5.49 23.60 5.10
C PHE D 182 -6.10 24.96 4.82
N SER D 183 -6.56 25.61 5.85
CA SER D 183 -7.07 26.99 5.71
C SER D 183 -6.56 27.78 6.89
N TYR D 184 -6.65 29.09 6.76
CA TYR D 184 -6.39 30.00 7.89
C TYR D 184 -7.27 31.23 7.74
N ILE D 185 -7.44 31.90 8.85
CA ILE D 185 -8.26 33.13 8.97
C ILE D 185 -7.46 34.28 8.36
N ALA D 186 -8.08 35.03 7.48
CA ALA D 186 -7.45 36.14 6.73
C ALA D 186 -7.53 37.43 7.54
N GLN D 187 -6.50 38.25 7.41
CA GLN D 187 -6.38 39.57 8.09
C GLN D 187 -7.54 40.48 7.70
N GLU D 188 -7.91 40.50 6.42
CA GLU D 188 -9.10 41.24 5.96
C GLU D 188 -9.76 40.50 4.80
N LYS E 1 -32.57 30.53 -13.22
CA LYS E 1 -32.64 29.06 -13.43
C LYS E 1 -32.34 28.32 -12.13
N ASN E 2 -31.52 28.93 -11.24
CA ASN E 2 -30.88 28.29 -10.07
C ASN E 2 -29.74 27.37 -10.51
N ASN E 3 -29.32 27.43 -11.78
CA ASN E 3 -28.15 26.68 -12.28
C ASN E 3 -26.91 27.19 -11.55
N ASP E 4 -26.21 26.28 -10.87
CA ASP E 4 -24.99 26.63 -10.10
C ASP E 4 -23.79 26.00 -10.81
N LYS E 5 -23.16 26.75 -11.72
CA LYS E 5 -22.04 26.22 -12.53
C LYS E 5 -20.71 26.35 -11.77
N LEU E 6 -20.74 26.70 -10.48
CA LEU E 6 -19.55 26.65 -9.61
C LEU E 6 -19.60 25.40 -8.71
N THR E 7 -20.58 24.52 -8.91
CA THR E 7 -20.65 23.21 -8.20
C THR E 7 -20.88 22.10 -9.22
N LEU E 8 -19.99 21.13 -9.24
CA LEU E 8 -20.12 19.89 -10.02
C LEU E 8 -20.27 18.80 -8.96
N TRP E 9 -21.37 18.08 -8.97
CA TRP E 9 -21.61 17.12 -7.87
C TRP E 9 -22.45 15.93 -8.31
N THR E 10 -22.45 14.96 -7.42
CA THR E 10 -23.35 13.79 -7.48
C THR E 10 -24.69 14.31 -6.94
N THR E 11 -25.69 13.62 -6.61
CA THR E 11 -26.46 14.74 -5.86
C THR E 11 -26.05 14.56 -4.41
N PRO E 12 -26.57 15.26 -3.38
CA PRO E 12 -26.43 14.77 -2.01
C PRO E 12 -27.40 13.64 -1.59
N ASP E 13 -28.21 13.08 -2.48
CA ASP E 13 -29.15 12.01 -2.08
C ASP E 13 -28.33 10.73 -1.87
N THR E 14 -29.01 9.65 -1.48
CA THR E 14 -28.34 8.36 -1.19
C THR E 14 -28.63 7.34 -2.30
N SER E 15 -29.16 7.80 -3.43
N SER E 15 -29.16 7.81 -3.44
CA SER E 15 -29.44 6.94 -4.62
CA SER E 15 -29.42 6.96 -4.63
C SER E 15 -28.11 6.42 -5.17
C SER E 15 -28.10 6.43 -5.18
N PRO E 16 -27.93 5.09 -5.33
CA PRO E 16 -26.71 4.57 -5.90
C PRO E 16 -26.37 5.21 -7.25
N ASN E 17 -25.09 5.45 -7.48
CA ASN E 17 -24.58 6.13 -8.69
C ASN E 17 -23.24 5.52 -9.11
N CYS E 18 -22.83 4.42 -8.55
CA CYS E 18 -21.42 3.97 -8.63
C CYS E 18 -21.36 2.43 -8.64
N ARG E 19 -20.42 1.89 -9.41
CA ARG E 19 -20.11 0.44 -9.42
C ARG E 19 -18.70 0.25 -8.90
N ILE E 20 -18.54 -0.43 -7.77
CA ILE E 20 -17.21 -0.89 -7.29
C ILE E 20 -17.00 -2.31 -7.80
N ASP E 21 -17.92 -3.20 -7.45
CA ASP E 21 -17.91 -4.62 -7.80
C ASP E 21 -19.01 -4.90 -8.84
N GLN E 22 -20.23 -4.38 -8.61
CA GLN E 22 -21.39 -4.61 -9.51
C GLN E 22 -22.10 -3.27 -9.74
N ASP E 23 -22.88 -3.21 -10.82
CA ASP E 23 -23.70 -2.03 -11.22
C ASP E 23 -24.42 -1.52 -9.96
N LYS E 24 -24.36 -0.21 -9.69
CA LYS E 24 -25.20 0.49 -8.69
C LYS E 24 -25.04 -0.15 -7.31
N ASP E 25 -23.81 -0.54 -6.93
CA ASP E 25 -23.60 -1.12 -5.59
C ASP E 25 -23.25 -0.03 -4.58
N SER E 26 -23.16 1.22 -5.00
CA SER E 26 -22.61 2.25 -4.10
C SER E 26 -23.09 3.65 -4.47
N LYS E 27 -23.13 4.51 -3.46
CA LYS E 27 -23.31 5.96 -3.61
C LYS E 27 -21.98 6.61 -3.26
N LEU E 28 -21.28 7.11 -4.26
CA LEU E 28 -20.15 8.03 -4.06
C LEU E 28 -20.76 9.42 -3.95
N THR E 29 -20.67 10.07 -2.80
CA THR E 29 -21.12 11.47 -2.69
C THR E 29 -19.90 12.33 -2.90
N LEU E 30 -19.83 13.00 -4.04
CA LEU E 30 -18.68 13.82 -4.39
C LEU E 30 -19.20 15.18 -4.79
N VAL E 31 -18.71 16.21 -4.10
CA VAL E 31 -19.06 17.62 -4.35
C VAL E 31 -17.77 18.37 -4.66
N LEU E 32 -17.71 18.93 -5.85
CA LEU E 32 -16.58 19.77 -6.29
C LEU E 32 -17.09 21.19 -6.36
N THR E 33 -16.52 22.07 -5.56
CA THR E 33 -16.91 23.49 -5.52
C THR E 33 -15.75 24.29 -6.06
N LYS E 34 -15.97 25.08 -7.09
CA LYS E 34 -14.87 25.82 -7.74
C LYS E 34 -14.64 27.10 -6.95
N CYS E 35 -13.49 27.20 -6.29
CA CYS E 35 -12.98 28.45 -5.67
C CYS E 35 -11.84 28.98 -6.54
N GLY E 36 -12.16 29.52 -7.70
CA GLY E 36 -11.17 29.96 -8.71
C GLY E 36 -10.20 28.86 -9.05
N SER E 37 -8.90 29.08 -8.80
CA SER E 37 -7.83 28.13 -9.22
C SER E 37 -7.82 26.86 -8.36
N GLN E 38 -8.63 26.77 -7.30
CA GLN E 38 -8.72 25.52 -6.49
C GLN E 38 -10.13 24.98 -6.51
N ILE E 39 -10.23 23.66 -6.62
CA ILE E 39 -11.49 22.90 -6.41
C ILE E 39 -11.48 22.43 -4.97
N LEU E 40 -12.51 22.80 -4.23
CA LEU E 40 -12.75 22.26 -2.88
C LEU E 40 -13.62 21.03 -3.03
N ALA E 41 -13.10 19.87 -2.60
CA ALA E 41 -13.72 18.57 -2.87
C ALA E 41 -14.15 17.96 -1.54
N ASN E 42 -15.34 17.41 -1.55
CA ASN E 42 -15.89 16.74 -0.36
C ASN E 42 -16.38 15.38 -0.81
N VAL E 43 -15.96 14.33 -0.13
CA VAL E 43 -16.25 12.95 -0.60
C VAL E 43 -16.66 12.05 0.57
N SER E 44 -17.58 11.15 0.29
CA SER E 44 -17.92 10.02 1.18
C SER E 44 -18.36 8.86 0.31
N LEU E 45 -18.46 7.69 0.89
CA LEU E 45 -18.88 6.49 0.15
C LEU E 45 -19.85 5.66 1.00
N ILE E 46 -20.94 5.26 0.38
CA ILE E 46 -21.88 4.26 0.95
C ILE E 46 -21.89 3.09 -0.02
N VAL E 47 -21.54 1.91 0.46
CA VAL E 47 -21.72 0.68 -0.35
C VAL E 47 -23.08 0.10 0.05
N VAL E 48 -24.02 0.00 -0.90
CA VAL E 48 -25.43 -0.36 -0.61
C VAL E 48 -25.67 -1.84 -0.91
N ALA E 49 -24.79 -2.48 -1.69
CA ALA E 49 -25.04 -3.87 -2.13
C ALA E 49 -23.73 -4.50 -2.58
N GLY E 50 -23.75 -5.81 -2.83
CA GLY E 50 -22.62 -6.52 -3.43
C GLY E 50 -21.56 -6.88 -2.40
N ARG E 51 -20.39 -7.30 -2.88
N ARG E 51 -20.40 -7.31 -2.88
CA ARG E 51 -19.37 -7.98 -2.05
CA ARG E 51 -19.36 -7.99 -2.07
C ARG E 51 -18.72 -7.01 -1.06
C ARG E 51 -18.78 -7.01 -1.02
N TYR E 52 -18.75 -5.71 -1.30
CA TYR E 52 -18.07 -4.70 -0.44
C TYR E 52 -19.05 -4.02 0.53
N LYS E 53 -20.33 -4.42 0.54
CA LYS E 53 -21.31 -3.81 1.47
C LYS E 53 -20.90 -4.15 2.91
N ILE E 54 -20.62 -5.42 3.19
CA ILE E 54 -20.23 -5.88 4.54
C ILE E 54 -18.85 -6.52 4.47
N ILE E 55 -17.86 -5.86 5.05
CA ILE E 55 -16.47 -6.38 5.09
C ILE E 55 -16.38 -7.45 6.16
N ASN E 56 -15.87 -8.61 5.80
CA ASN E 56 -15.52 -9.65 6.78
C ASN E 56 -14.13 -10.20 6.43
N ASN E 57 -13.13 -9.69 7.14
CA ASN E 57 -11.70 -10.09 6.95
C ASN E 57 -11.39 -11.42 7.65
N ASN E 58 -12.35 -12.03 8.35
CA ASN E 58 -12.24 -13.46 8.74
C ASN E 58 -12.48 -14.33 7.49
N THR E 59 -13.57 -14.06 6.78
N THR E 59 -13.58 -14.05 6.78
CA THR E 59 -13.97 -14.78 5.55
CA THR E 59 -14.00 -14.75 5.55
C THR E 59 -13.00 -14.43 4.42
C THR E 59 -13.01 -14.42 4.42
N ASN E 60 -12.61 -13.15 4.32
CA ASN E 60 -11.79 -12.63 3.20
C ASN E 60 -10.57 -11.92 3.78
N PRO E 61 -9.56 -12.67 4.29
CA PRO E 61 -8.43 -12.06 4.98
C PRO E 61 -7.58 -11.13 4.10
N ALA E 62 -7.63 -11.29 2.77
CA ALA E 62 -6.81 -10.49 1.83
C ALA E 62 -7.56 -9.24 1.34
N LEU E 63 -8.86 -9.11 1.65
CA LEU E 63 -9.68 -7.97 1.17
C LEU E 63 -9.31 -6.73 1.99
N LYS E 64 -8.48 -5.87 1.43
CA LYS E 64 -7.98 -4.68 2.16
C LYS E 64 -8.14 -3.42 1.32
N GLY E 65 -8.85 -3.45 0.20
CA GLY E 65 -9.06 -2.20 -0.57
C GLY E 65 -9.86 -2.39 -1.82
N PHE E 66 -10.15 -1.30 -2.48
CA PHE E 66 -10.80 -1.25 -3.80
C PHE E 66 -10.67 0.19 -4.30
N THR E 67 -11.06 0.42 -5.53
CA THR E 67 -10.78 1.66 -6.27
C THR E 67 -12.06 2.14 -6.94
N ILE E 68 -12.30 3.46 -6.90
CA ILE E 68 -13.32 4.15 -7.73
C ILE E 68 -12.60 5.16 -8.61
N LYS E 69 -12.82 5.08 -9.91
CA LYS E 69 -12.16 5.94 -10.93
C LYS E 69 -13.19 6.79 -11.64
N LEU E 70 -12.90 8.11 -11.71
CA LEU E 70 -13.60 9.05 -12.59
C LEU E 70 -12.64 9.40 -13.73
N LEU E 71 -12.99 9.01 -14.94
CA LEU E 71 -12.18 9.30 -16.15
C LEU E 71 -12.92 10.38 -16.91
N PHE E 72 -12.19 11.42 -17.34
CA PHE E 72 -12.79 12.55 -18.08
C PHE E 72 -12.10 12.70 -19.42
N ASP E 73 -12.86 13.16 -20.39
CA ASP E 73 -12.35 13.52 -21.74
C ASP E 73 -11.84 14.96 -21.72
N LYS E 74 -11.44 15.46 -22.90
CA LYS E 74 -10.75 16.77 -22.98
C LYS E 74 -11.70 17.92 -22.59
N ASN E 75 -13.01 17.68 -22.56
CA ASN E 75 -14.02 18.71 -22.15
C ASN E 75 -14.39 18.57 -20.67
N GLY E 76 -13.75 17.66 -19.95
CA GLY E 76 -14.05 17.40 -18.53
C GLY E 76 -15.34 16.63 -18.36
N VAL E 77 -15.81 15.99 -19.43
CA VAL E 77 -17.05 15.17 -19.41
C VAL E 77 -16.66 13.76 -18.89
N LEU E 78 -17.43 13.26 -17.94
CA LEU E 78 -17.20 11.92 -17.36
C LEU E 78 -17.41 10.86 -18.43
N MET E 79 -16.46 9.94 -18.54
CA MET E 79 -16.53 8.84 -19.53
C MET E 79 -17.34 7.68 -18.95
N GLU E 80 -18.14 7.04 -19.80
CA GLU E 80 -19.08 5.95 -19.44
C GLU E 80 -18.32 4.79 -18.76
N SER E 81 -17.05 4.61 -19.08
CA SER E 81 -16.22 3.48 -18.56
C SER E 81 -15.80 3.74 -17.11
N SER E 82 -16.06 4.92 -16.55
CA SER E 82 -15.79 5.25 -15.13
C SER E 82 -16.62 4.37 -14.17
N ASN E 83 -16.16 4.19 -12.93
CA ASN E 83 -16.99 3.55 -11.87
C ASN E 83 -18.24 4.40 -11.57
N LEU E 84 -18.07 5.72 -11.55
CA LEU E 84 -19.17 6.68 -11.32
C LEU E 84 -20.09 6.76 -12.55
N GLY E 85 -21.38 6.64 -12.36
CA GLY E 85 -22.41 6.79 -13.40
C GLY E 85 -22.56 8.24 -13.85
N LYS E 86 -22.89 8.43 -15.11
CA LYS E 86 -22.94 9.77 -15.73
C LYS E 86 -24.22 10.49 -15.33
N SER E 87 -25.33 9.80 -15.05
CA SER E 87 -26.68 10.44 -15.22
C SER E 87 -26.92 11.53 -14.16
N TYR E 88 -26.28 11.42 -12.99
CA TYR E 88 -26.50 12.35 -11.84
C TYR E 88 -25.17 12.98 -11.44
N TRP E 89 -24.24 13.05 -12.39
CA TRP E 89 -22.98 13.86 -12.27
C TRP E 89 -23.10 15.07 -13.18
N ASN E 90 -23.31 16.23 -12.58
CA ASN E 90 -23.67 17.43 -13.32
C ASN E 90 -23.51 18.63 -12.39
N PHE E 91 -23.56 19.79 -13.01
CA PHE E 91 -23.67 21.07 -12.29
C PHE E 91 -24.90 21.04 -11.41
N ARG E 92 -24.78 21.69 -10.26
CA ARG E 92 -25.84 21.75 -9.24
C ARG E 92 -27.01 22.59 -9.75
N ASN E 93 -28.21 22.17 -9.39
CA ASN E 93 -29.42 23.01 -9.38
C ASN E 93 -30.19 22.66 -8.11
N GLN E 94 -30.09 23.50 -7.08
CA GLN E 94 -30.70 23.27 -5.73
C GLN E 94 -30.14 21.98 -5.16
N ASN E 95 -30.97 20.95 -4.90
CA ASN E 95 -30.48 19.65 -4.36
C ASN E 95 -30.41 18.62 -5.46
N SER E 96 -30.54 19.06 -6.71
CA SER E 96 -30.51 18.16 -7.90
C SER E 96 -29.44 18.68 -8.86
N ILE E 97 -29.64 18.45 -10.15
CA ILE E 97 -28.67 18.78 -11.20
C ILE E 97 -29.36 19.65 -12.24
N MET E 98 -28.56 20.40 -12.99
N MET E 98 -28.56 20.38 -13.00
CA MET E 98 -28.93 21.04 -14.28
CA MET E 98 -29.00 21.05 -14.23
C MET E 98 -29.69 19.99 -15.12
C MET E 98 -29.69 20.00 -15.11
N SER E 99 -30.69 20.43 -15.87
CA SER E 99 -31.66 19.57 -16.57
C SER E 99 -31.02 18.85 -17.78
N THR E 100 -29.92 19.35 -18.34
CA THR E 100 -29.18 18.66 -19.42
C THR E 100 -27.73 18.43 -19.00
N ALA E 101 -27.13 17.37 -19.52
CA ALA E 101 -25.72 16.99 -19.29
C ALA E 101 -24.83 18.14 -19.70
N TYR E 102 -23.83 18.45 -18.88
CA TYR E 102 -22.84 19.52 -19.20
C TYR E 102 -21.99 19.05 -20.37
N GLU E 103 -21.54 20.01 -21.16
CA GLU E 103 -20.68 19.77 -22.33
C GLU E 103 -19.24 20.13 -22.00
N LYS E 104 -19.00 20.98 -21.01
CA LYS E 104 -17.66 21.48 -20.64
C LYS E 104 -17.60 21.71 -19.13
N ALA E 105 -16.51 21.23 -18.51
CA ALA E 105 -16.23 21.45 -17.07
C ALA E 105 -14.72 21.46 -16.88
N ILE E 106 -13.99 22.04 -17.82
CA ILE E 106 -12.51 22.08 -17.73
C ILE E 106 -12.10 22.86 -16.46
N GLY E 107 -12.90 23.81 -16.00
CA GLY E 107 -12.62 24.57 -14.76
C GLY E 107 -12.63 23.70 -13.51
N PHE E 108 -13.12 22.46 -13.60
CA PHE E 108 -13.18 21.51 -12.46
C PHE E 108 -12.13 20.40 -12.63
N MET E 109 -11.41 20.41 -13.73
CA MET E 109 -10.47 19.32 -14.02
C MET E 109 -9.17 19.59 -13.25
N PRO E 110 -8.47 18.53 -12.80
CA PRO E 110 -7.18 18.70 -12.15
C PRO E 110 -6.16 19.23 -13.16
N ASN E 111 -5.44 20.27 -12.72
CA ASN E 111 -4.46 21.01 -13.54
C ASN E 111 -3.41 20.04 -14.10
N LEU E 112 -3.17 20.08 -15.39
CA LEU E 112 -2.26 19.11 -16.06
C LEU E 112 -0.79 19.48 -15.83
N VAL E 113 -0.48 20.74 -15.56
CA VAL E 113 0.92 21.13 -15.23
C VAL E 113 1.20 20.68 -13.80
N ALA E 114 0.28 20.90 -12.89
CA ALA E 114 0.40 20.43 -11.50
C ALA E 114 0.47 18.89 -11.50
N TYR E 115 -0.39 18.27 -12.30
CA TYR E 115 -0.65 16.81 -12.23
C TYR E 115 -0.62 16.24 -13.65
N PRO E 116 0.57 16.04 -14.23
CA PRO E 116 0.66 15.53 -15.60
C PRO E 116 0.14 14.12 -15.78
N LYS E 117 -0.37 13.88 -16.99
CA LYS E 117 -0.85 12.57 -17.47
C LYS E 117 0.28 11.55 -17.31
N PRO E 118 -0.07 10.27 -17.10
CA PRO E 118 0.94 9.24 -16.93
C PRO E 118 1.76 9.00 -18.20
N THR E 119 1.23 9.33 -19.38
CA THR E 119 1.90 9.09 -20.70
C THR E 119 2.98 10.16 -21.01
N THR E 120 3.30 10.99 -20.05
CA THR E 120 4.15 12.19 -20.20
C THR E 120 5.59 11.76 -19.88
N GLY E 121 6.59 12.52 -20.33
CA GLY E 121 8.02 12.21 -20.16
C GLY E 121 8.60 12.79 -18.88
N SER E 122 7.78 13.39 -18.05
CA SER E 122 8.19 14.15 -16.86
C SER E 122 8.15 13.19 -15.66
N LYS E 123 9.13 13.33 -14.76
CA LYS E 123 9.17 12.62 -13.46
C LYS E 123 7.77 12.59 -12.88
N LYS E 124 7.34 11.42 -12.43
CA LYS E 124 6.09 11.24 -11.67
C LYS E 124 6.34 11.72 -10.24
N TYR E 125 5.76 12.88 -9.90
CA TYR E 125 5.88 13.47 -8.55
C TYR E 125 4.63 13.10 -7.77
N ALA E 126 4.80 12.94 -6.46
CA ALA E 126 3.73 12.56 -5.52
C ALA E 126 2.75 13.71 -5.28
N ARG E 127 3.01 14.91 -5.75
CA ARG E 127 2.12 16.03 -5.47
C ARG E 127 0.76 15.84 -6.15
N ASP E 128 0.62 14.90 -7.10
CA ASP E 128 -0.69 14.53 -7.71
C ASP E 128 -1.47 13.57 -6.80
N ILE E 129 -1.03 13.37 -5.57
CA ILE E 129 -1.73 12.50 -4.58
C ILE E 129 -2.12 13.34 -3.38
N VAL E 130 -3.30 13.07 -2.83
CA VAL E 130 -3.65 13.51 -1.47
C VAL E 130 -4.17 12.31 -0.69
N TYR E 131 -3.62 12.12 0.50
CA TYR E 131 -4.07 11.09 1.45
C TYR E 131 -5.07 11.70 2.43
N GLY E 132 -6.08 10.92 2.79
CA GLY E 132 -6.97 11.22 3.89
C GLY E 132 -7.48 9.98 4.56
N ASN E 133 -8.24 10.17 5.62
CA ASN E 133 -8.89 9.08 6.37
C ASN E 133 -10.39 9.35 6.37
N ILE E 134 -11.15 8.26 6.27
CA ILE E 134 -12.59 8.26 6.59
C ILE E 134 -12.83 7.05 7.49
N TYR E 135 -13.97 7.03 8.16
CA TYR E 135 -14.25 6.05 9.24
C TYR E 135 -15.54 5.31 8.91
N LEU E 136 -15.48 3.99 8.93
CA LEU E 136 -16.65 3.16 8.67
C LEU E 136 -17.64 3.31 9.82
N GLY E 137 -18.90 3.57 9.49
CA GLY E 137 -19.98 3.67 10.48
C GLY E 137 -19.75 4.85 11.40
N GLY E 138 -18.84 5.76 11.06
CA GLY E 138 -18.51 6.91 11.94
C GLY E 138 -17.81 6.49 13.21
N LYS E 139 -17.27 5.27 13.26
CA LYS E 139 -16.58 4.77 14.47
C LYS E 139 -15.10 5.12 14.38
N PRO E 140 -14.53 5.73 15.43
CA PRO E 140 -13.17 6.24 15.36
C PRO E 140 -12.12 5.13 15.25
N HIS E 141 -12.46 3.89 15.61
CA HIS E 141 -11.55 2.73 15.54
C HIS E 141 -11.70 1.99 14.21
N GLN E 142 -12.42 2.54 13.23
CA GLN E 142 -12.61 1.88 11.92
C GLN E 142 -12.12 2.80 10.81
N PRO E 143 -10.84 3.22 10.86
CA PRO E 143 -10.26 4.05 9.82
C PRO E 143 -10.12 3.28 8.52
N VAL E 144 -10.26 4.02 7.45
CA VAL E 144 -9.92 3.60 6.08
C VAL E 144 -9.09 4.73 5.50
N THR E 145 -8.06 4.40 4.74
CA THR E 145 -7.29 5.37 3.97
C THR E 145 -8.01 5.60 2.66
N ILE E 146 -8.26 6.86 2.35
CA ILE E 146 -8.72 7.27 1.01
C ILE E 146 -7.58 8.02 0.37
N LYS E 147 -7.02 7.42 -0.67
CA LYS E 147 -5.94 8.04 -1.45
C LYS E 147 -6.55 8.56 -2.73
N THR E 148 -6.39 9.86 -2.98
CA THR E 148 -6.94 10.50 -4.19
C THR E 148 -5.76 10.87 -5.08
N THR E 149 -5.84 10.46 -6.34
CA THR E 149 -4.77 10.71 -7.31
C THR E 149 -5.36 11.43 -8.51
N PHE E 150 -4.64 12.45 -9.00
CA PHE E 150 -5.11 13.29 -10.12
C PHE E 150 -4.35 12.91 -11.38
N ASN E 151 -5.12 12.65 -12.46
CA ASN E 151 -4.60 12.55 -13.84
C ASN E 151 -3.56 11.42 -13.97
N GLN E 152 -3.73 10.30 -13.28
CA GLN E 152 -2.78 9.17 -13.41
C GLN E 152 -3.45 8.04 -14.18
N GLU E 153 -4.66 8.20 -14.68
CA GLU E 153 -5.32 7.14 -15.50
C GLU E 153 -4.95 7.30 -16.96
N THR E 154 -4.73 6.19 -17.67
CA THR E 154 -4.53 6.19 -19.14
C THR E 154 -5.92 6.27 -19.81
N GLY E 155 -5.95 6.54 -21.12
CA GLY E 155 -7.17 6.47 -21.94
C GLY E 155 -8.17 7.53 -21.55
N CYS E 156 -7.69 8.69 -21.10
CA CYS E 156 -8.55 9.83 -20.74
C CYS E 156 -7.66 11.07 -20.73
N GLU E 157 -8.24 12.26 -20.63
CA GLU E 157 -7.45 13.52 -20.57
C GLU E 157 -7.23 13.90 -19.11
N TYR E 158 -8.20 13.63 -18.25
CA TYR E 158 -8.11 13.93 -16.81
C TYR E 158 -8.70 12.76 -16.05
N SER E 159 -8.32 12.64 -14.79
CA SER E 159 -8.88 11.60 -13.93
C SER E 159 -8.80 11.98 -12.46
N ILE E 160 -9.79 11.48 -11.72
CA ILE E 160 -9.73 11.47 -10.24
C ILE E 160 -9.91 10.02 -9.83
N THR E 161 -8.90 9.48 -9.16
CA THR E 161 -8.92 8.09 -8.67
C THR E 161 -9.00 8.09 -7.15
N PHE E 162 -9.94 7.35 -6.59
CA PHE E 162 -10.05 7.09 -5.14
C PHE E 162 -9.65 5.65 -4.88
N ASP E 163 -8.51 5.47 -4.21
CA ASP E 163 -8.08 4.13 -3.72
C ASP E 163 -8.42 4.06 -2.24
N PHE E 164 -9.28 3.12 -1.88
CA PHE E 164 -9.69 2.86 -0.47
C PHE E 164 -8.87 1.67 0.01
N SER E 165 -8.32 1.78 1.20
CA SER E 165 -7.55 0.67 1.81
C SER E 165 -7.74 0.73 3.32
N TRP E 166 -7.58 -0.41 3.95
CA TRP E 166 -7.56 -0.49 5.41
C TRP E 166 -6.53 -1.50 5.88
N ALA E 167 -6.10 -1.34 7.11
CA ALA E 167 -4.96 -2.07 7.70
C ALA E 167 -5.40 -2.64 9.04
N LYS E 168 -6.69 -2.90 9.20
CA LYS E 168 -7.28 -3.58 10.38
C LYS E 168 -8.15 -4.74 9.88
N THR E 169 -8.41 -5.71 10.74
CA THR E 169 -9.33 -6.82 10.47
C THR E 169 -10.75 -6.35 10.78
N TYR E 170 -11.53 -6.02 9.75
CA TYR E 170 -12.96 -5.63 9.93
C TYR E 170 -13.82 -6.88 9.78
N VAL E 171 -14.67 -7.14 10.76
CA VAL E 171 -15.52 -8.36 10.79
C VAL E 171 -16.98 -7.91 10.82
N ASN E 172 -17.69 -8.13 9.72
CA ASN E 172 -19.14 -7.79 9.59
C ASN E 172 -19.29 -6.29 9.80
N VAL E 173 -18.49 -5.49 9.11
CA VAL E 173 -18.52 -4.02 9.21
C VAL E 173 -19.07 -3.46 7.91
N GLU E 174 -20.16 -2.72 8.00
CA GLU E 174 -20.79 -2.09 6.82
C GLU E 174 -19.86 -1.03 6.25
N PHE E 175 -19.60 -1.06 4.96
CA PHE E 175 -18.73 -0.06 4.30
C PHE E 175 -19.56 1.18 3.94
N GLU E 176 -19.70 2.06 4.90
CA GLU E 176 -20.36 3.38 4.68
C GLU E 176 -19.64 4.36 5.59
N THR E 177 -19.22 5.50 5.04
CA THR E 177 -18.07 6.26 5.58
C THR E 177 -18.49 7.65 6.04
N THR E 178 -17.65 8.21 6.89
CA THR E 178 -17.59 9.66 7.15
C THR E 178 -17.07 10.36 5.89
N SER E 179 -17.07 11.68 5.94
CA SER E 179 -16.68 12.55 4.82
C SER E 179 -15.26 13.04 5.00
N PHE E 180 -14.61 13.34 3.87
CA PHE E 180 -13.26 13.92 3.83
C PHE E 180 -13.29 15.08 2.83
N THR E 181 -12.63 16.18 3.20
CA THR E 181 -12.44 17.33 2.31
C THR E 181 -10.98 17.43 1.91
N PHE E 182 -10.74 17.75 0.65
CA PHE E 182 -9.41 18.07 0.12
C PHE E 182 -9.58 19.14 -0.93
N SER E 183 -8.49 19.57 -1.52
CA SER E 183 -8.57 20.49 -2.66
C SER E 183 -7.55 20.07 -3.69
N TYR E 184 -7.68 20.60 -4.89
CA TYR E 184 -6.67 20.43 -5.94
C TYR E 184 -6.68 21.64 -6.81
N ILE E 185 -5.57 21.79 -7.53
CA ILE E 185 -5.35 22.91 -8.45
C ILE E 185 -6.17 22.65 -9.70
N ALA E 186 -6.95 23.64 -10.13
CA ALA E 186 -7.88 23.54 -11.27
C ALA E 186 -7.11 23.84 -12.56
N GLN E 187 -7.52 23.17 -13.64
CA GLN E 187 -6.92 23.34 -14.99
C GLN E 187 -7.09 24.77 -15.47
N GLU E 188 -8.23 25.39 -15.20
CA GLU E 188 -8.44 26.81 -15.57
C GLU E 188 -9.43 27.44 -14.59
N LYS F 5 -23.20 38.44 3.64
CA LYS F 5 -21.71 38.46 3.71
C LYS F 5 -21.23 36.99 3.69
N LEU F 6 -19.95 36.77 3.39
CA LEU F 6 -19.41 35.43 3.04
C LEU F 6 -18.70 34.81 4.23
N THR F 7 -18.61 35.52 5.36
CA THR F 7 -17.93 35.01 6.58
C THR F 7 -18.86 35.15 7.78
N LEU F 8 -19.21 34.02 8.35
CA LEU F 8 -19.98 33.91 9.59
C LEU F 8 -19.00 33.37 10.64
N TRP F 9 -18.76 34.11 11.71
CA TRP F 9 -17.65 33.72 12.60
C TRP F 9 -17.88 34.16 14.04
N THR F 10 -17.05 33.58 14.90
CA THR F 10 -16.70 34.15 16.22
C THR F 10 -15.53 35.08 15.96
N THR F 11 -15.58 36.30 16.46
CA THR F 11 -14.40 37.19 16.41
C THR F 11 -13.22 36.41 16.93
N PRO F 12 -12.06 36.33 16.24
CA PRO F 12 -11.01 35.39 16.64
C PRO F 12 -10.01 35.86 17.69
N ASP F 13 -10.44 36.75 18.56
CA ASP F 13 -9.71 37.10 19.82
C ASP F 13 -9.83 35.92 20.78
N THR F 14 -9.36 36.06 22.03
CA THR F 14 -9.35 34.95 23.02
C THR F 14 -10.43 35.18 24.09
N SER F 15 -11.34 36.13 23.87
CA SER F 15 -12.45 36.42 24.82
C SER F 15 -13.41 35.24 24.85
N PRO F 16 -13.70 34.65 26.03
CA PRO F 16 -14.61 33.51 26.09
C PRO F 16 -15.98 33.82 25.48
N ASN F 17 -16.57 32.83 24.83
CA ASN F 17 -17.83 33.00 24.08
C ASN F 17 -18.70 31.72 24.17
N CYS F 18 -18.33 30.77 25.00
CA CYS F 18 -18.87 29.38 24.90
C CYS F 18 -18.96 28.74 26.29
N ARG F 19 -19.99 27.95 26.49
CA ARG F 19 -20.25 27.18 27.72
C ARG F 19 -20.12 25.69 27.40
N ILE F 20 -19.13 25.02 27.95
CA ILE F 20 -19.06 23.53 27.96
C ILE F 20 -19.79 23.03 29.20
N ASP F 21 -19.40 23.53 30.36
CA ASP F 21 -20.08 23.24 31.64
C ASP F 21 -20.79 24.50 32.14
N GLN F 22 -20.10 25.64 32.12
CA GLN F 22 -20.62 26.91 32.71
C GLN F 22 -20.39 28.06 31.73
N ASP F 23 -21.20 29.11 31.86
CA ASP F 23 -21.13 30.32 31.00
C ASP F 23 -19.66 30.74 30.87
N LYS F 24 -19.24 31.02 29.65
CA LYS F 24 -17.94 31.62 29.29
C LYS F 24 -16.78 30.82 29.89
N ASP F 25 -16.84 29.49 29.86
CA ASP F 25 -15.68 28.67 30.31
C ASP F 25 -14.75 28.40 29.11
N SER F 26 -15.08 28.85 27.91
CA SER F 26 -14.29 28.50 26.72
C SER F 26 -14.43 29.54 25.60
N LYS F 27 -13.41 29.59 24.74
CA LYS F 27 -13.41 30.36 23.49
C LYS F 27 -13.40 29.35 22.35
N LEU F 28 -14.54 29.16 21.71
CA LEU F 28 -14.61 28.41 20.43
C LEU F 28 -14.29 29.41 19.33
N THR F 29 -13.21 29.22 18.60
CA THR F 29 -12.95 30.08 17.41
C THR F 29 -13.45 29.29 16.22
N LEU F 30 -14.57 29.71 15.66
CA LEU F 30 -15.17 29.03 14.49
C LEU F 30 -15.39 30.05 13.39
N VAL F 31 -14.82 29.80 12.22
CA VAL F 31 -14.94 30.67 11.03
C VAL F 31 -15.53 29.84 9.90
N LEU F 32 -16.69 30.27 9.42
CA LEU F 32 -17.41 29.63 8.29
C LEU F 32 -17.34 30.59 7.12
N THR F 33 -16.73 30.18 6.03
CA THR F 33 -16.79 31.00 4.81
C THR F 33 -17.56 30.22 3.77
N LYS F 34 -18.50 30.92 3.14
CA LYS F 34 -19.34 30.29 2.10
C LYS F 34 -18.56 30.32 0.79
N CYS F 35 -18.16 29.15 0.29
CA CYS F 35 -17.60 28.98 -1.07
C CYS F 35 -18.66 28.25 -1.90
N GLY F 36 -19.69 29.00 -2.29
CA GLY F 36 -20.87 28.48 -2.98
C GLY F 36 -21.49 27.33 -2.23
N SER F 37 -21.58 26.16 -2.86
CA SER F 37 -22.29 24.97 -2.36
C SER F 37 -21.59 24.35 -1.14
N GLN F 38 -20.37 24.78 -0.81
CA GLN F 38 -19.63 24.23 0.34
C GLN F 38 -19.28 25.36 1.31
N ILE F 39 -19.41 25.07 2.58
CA ILE F 39 -18.91 25.94 3.70
C ILE F 39 -17.54 25.44 4.10
N LEU F 40 -16.55 26.31 4.02
CA LEU F 40 -15.19 26.03 4.49
C LEU F 40 -15.13 26.46 5.95
N ALA F 41 -14.80 25.54 6.84
CA ALA F 41 -14.84 25.77 8.29
C ALA F 41 -13.43 25.65 8.84
N ASN F 42 -13.12 26.54 9.76
CA ASN F 42 -11.86 26.53 10.52
C ASN F 42 -12.23 26.60 12.00
N VAL F 43 -11.69 25.69 12.79
CA VAL F 43 -12.11 25.60 14.22
C VAL F 43 -10.89 25.37 15.12
N SER F 44 -10.94 25.99 16.29
CA SER F 44 -10.00 25.72 17.40
C SER F 44 -10.75 25.97 18.70
N LEU F 45 -10.17 25.54 19.80
CA LEU F 45 -10.82 25.71 21.12
C LEU F 45 -9.77 26.08 22.16
N ILE F 46 -10.12 27.07 22.99
CA ILE F 46 -9.39 27.39 24.24
C ILE F 46 -10.39 27.21 25.38
N VAL F 47 -10.08 26.37 26.36
CA VAL F 47 -10.90 26.30 27.59
C VAL F 47 -10.24 27.22 28.61
N VAL F 48 -10.96 28.23 29.08
CA VAL F 48 -10.38 29.29 29.94
C VAL F 48 -10.71 29.05 31.42
N ALA F 49 -11.69 28.21 31.72
CA ALA F 49 -12.16 28.00 33.11
C ALA F 49 -12.85 26.64 33.26
N GLY F 50 -13.07 26.23 34.50
CA GLY F 50 -13.86 25.02 34.83
C GLY F 50 -13.07 23.74 34.69
N ARG F 51 -13.75 22.60 34.70
CA ARG F 51 -13.12 21.27 34.87
C ARG F 51 -12.28 20.91 33.65
N TYR F 52 -12.52 21.52 32.48
CA TYR F 52 -11.79 21.15 31.24
C TYR F 52 -10.61 22.09 30.96
N LYS F 53 -10.35 23.09 31.80
CA LYS F 53 -9.28 24.06 31.53
C LYS F 53 -7.92 23.35 31.57
N ILE F 54 -7.67 22.63 32.64
CA ILE F 54 -6.44 21.84 32.86
C ILE F 54 -6.88 20.41 33.06
N ILE F 55 -6.54 19.56 32.11
CA ILE F 55 -6.87 18.11 32.17
C ILE F 55 -5.87 17.46 33.10
N ASN F 56 -6.37 16.73 34.09
CA ASN F 56 -5.53 15.84 34.91
C ASN F 56 -6.25 14.51 35.05
N ASN F 57 -5.89 13.56 34.19
CA ASN F 57 -6.49 12.22 34.12
C ASN F 57 -5.91 11.30 35.21
N ASN F 58 -4.94 11.78 36.01
CA ASN F 58 -4.61 11.10 37.30
C ASN F 58 -5.72 11.37 38.30
N THR F 59 -6.07 12.65 38.48
CA THR F 59 -7.13 13.11 39.41
C THR F 59 -8.50 12.67 38.88
N ASN F 60 -8.72 12.80 37.58
CA ASN F 60 -10.04 12.58 36.93
C ASN F 60 -9.86 11.59 35.78
N PRO F 61 -9.71 10.28 36.08
CA PRO F 61 -9.40 9.30 35.04
C PRO F 61 -10.52 9.15 33.99
N ALA F 62 -11.76 9.56 34.32
CA ALA F 62 -12.94 9.41 33.44
C ALA F 62 -13.16 10.67 32.59
N LEU F 63 -12.39 11.74 32.81
CA LEU F 63 -12.55 12.99 32.03
C LEU F 63 -11.92 12.83 30.64
N LYS F 64 -12.68 12.46 29.62
CA LYS F 64 -12.10 12.03 28.33
C LYS F 64 -12.80 12.70 27.15
N GLY F 65 -13.67 13.67 27.40
CA GLY F 65 -14.32 14.39 26.31
C GLY F 65 -15.49 15.24 26.74
N PHE F 66 -15.98 16.02 25.81
CA PHE F 66 -17.09 16.96 26.03
C PHE F 66 -17.59 17.40 24.68
N THR F 67 -18.71 18.09 24.69
CA THR F 67 -19.46 18.43 23.45
C THR F 67 -19.78 19.92 23.45
N ILE F 68 -19.63 20.53 22.29
CA ILE F 68 -20.13 21.90 22.00
C ILE F 68 -21.10 21.78 20.84
N LYS F 69 -22.32 22.28 21.01
CA LYS F 69 -23.39 22.24 20.01
C LYS F 69 -23.75 23.66 19.53
N LEU F 70 -23.85 23.82 18.23
CA LEU F 70 -24.45 24.98 17.56
C LEU F 70 -25.80 24.53 16.99
N LEU F 71 -26.89 25.06 17.54
CA LEU F 71 -28.26 24.75 17.10
C LEU F 71 -28.77 25.97 16.34
N PHE F 72 -29.34 25.76 15.17
CA PHE F 72 -29.86 26.84 14.29
C PHE F 72 -31.33 26.60 13.98
N ASP F 73 -32.06 27.69 13.87
CA ASP F 73 -33.50 27.68 13.54
C ASP F 73 -33.64 27.66 12.01
N LYS F 74 -34.87 27.75 11.51
CA LYS F 74 -35.16 27.60 10.08
C LYS F 74 -34.52 28.72 9.25
N ASN F 75 -34.13 29.84 9.88
CA ASN F 75 -33.47 30.98 9.20
C ASN F 75 -31.95 30.91 9.34
N GLY F 76 -31.41 29.84 9.91
CA GLY F 76 -29.96 29.66 10.14
C GLY F 76 -29.44 30.55 11.27
N VAL F 77 -30.35 31.03 12.11
CA VAL F 77 -30.01 31.88 13.29
C VAL F 77 -29.63 30.96 14.44
N LEU F 78 -28.51 31.23 15.10
CA LEU F 78 -28.02 30.47 16.26
C LEU F 78 -29.04 30.61 17.39
N MET F 79 -29.45 29.47 17.95
CA MET F 79 -30.42 29.42 19.05
C MET F 79 -29.70 29.56 20.39
N GLU F 80 -30.36 30.20 21.34
CA GLU F 80 -29.84 30.47 22.70
C GLU F 80 -29.48 29.15 23.40
N SER F 81 -30.08 28.02 23.03
CA SER F 81 -29.81 26.70 23.65
C SER F 81 -28.42 26.16 23.26
N SER F 82 -27.76 26.77 22.27
CA SER F 82 -26.40 26.41 21.82
C SER F 82 -25.40 26.62 22.96
N ASN F 83 -24.31 25.86 22.95
CA ASN F 83 -23.17 26.09 23.88
C ASN F 83 -22.50 27.43 23.53
N LEU F 84 -22.41 27.77 22.26
CA LEU F 84 -21.84 29.06 21.79
C LEU F 84 -22.81 30.19 22.11
N GLY F 85 -22.31 31.27 22.72
CA GLY F 85 -23.14 32.45 23.06
C GLY F 85 -23.57 33.18 21.80
N LYS F 86 -24.83 33.61 21.73
CA LYS F 86 -25.43 34.21 20.51
C LYS F 86 -24.78 35.56 20.18
N SER F 87 -24.42 36.34 21.18
CA SER F 87 -23.86 37.71 21.00
C SER F 87 -22.50 37.64 20.30
N TYR F 88 -21.86 36.47 20.24
CA TYR F 88 -20.48 36.29 19.73
C TYR F 88 -20.48 35.73 18.30
N TRP F 89 -21.65 35.50 17.72
CA TRP F 89 -21.76 34.79 16.44
C TRP F 89 -22.46 35.69 15.43
N ASN F 90 -21.74 36.16 14.42
CA ASN F 90 -22.35 37.04 13.40
C ASN F 90 -21.46 37.10 12.18
N PHE F 91 -21.97 37.70 11.12
CA PHE F 91 -21.19 38.01 9.92
C PHE F 91 -20.05 38.93 10.35
N ARG F 92 -18.90 38.74 9.70
CA ARG F 92 -17.66 39.51 9.97
C ARG F 92 -17.90 40.97 9.56
N ASN F 93 -17.35 41.89 10.36
CA ASN F 93 -17.12 43.30 9.99
C ASN F 93 -15.71 43.70 10.44
N GLN F 94 -14.75 43.65 9.53
CA GLN F 94 -13.36 44.15 9.64
C GLN F 94 -12.64 43.76 10.94
N ASN F 95 -12.66 42.48 11.32
CA ASN F 95 -11.92 41.89 12.47
C ASN F 95 -12.80 41.89 13.73
N SER F 96 -14.03 42.34 13.62
CA SER F 96 -15.09 42.17 14.64
C SER F 96 -16.30 41.55 13.95
N ILE F 97 -17.50 41.79 14.47
CA ILE F 97 -18.77 41.27 13.91
C ILE F 97 -19.66 42.46 13.61
N MET F 98 -20.63 42.23 12.72
CA MET F 98 -21.73 43.21 12.49
C MET F 98 -22.35 43.52 13.86
N SER F 99 -22.73 44.77 14.12
CA SER F 99 -23.21 45.23 15.46
C SER F 99 -24.64 44.74 15.71
N THR F 100 -25.36 44.34 14.67
CA THR F 100 -26.79 43.91 14.71
C THR F 100 -26.88 42.43 14.34
N ALA F 101 -27.71 41.67 15.06
CA ALA F 101 -27.86 40.21 14.87
C ALA F 101 -28.34 39.95 13.44
N TYR F 102 -27.75 38.97 12.75
CA TYR F 102 -28.20 38.58 11.40
C TYR F 102 -29.58 37.93 11.52
N GLU F 103 -30.38 38.05 10.47
CA GLU F 103 -31.75 37.49 10.40
C GLU F 103 -31.75 36.22 9.55
N LYS F 104 -30.80 36.05 8.63
CA LYS F 104 -30.77 34.87 7.73
C LYS F 104 -29.34 34.43 7.44
N ALA F 105 -29.10 33.12 7.53
CA ALA F 105 -27.84 32.49 7.13
C ALA F 105 -28.12 31.06 6.65
N ILE F 106 -29.20 30.86 5.91
CA ILE F 106 -29.57 29.51 5.43
C ILE F 106 -28.44 29.01 4.50
N GLY F 107 -27.76 29.90 3.79
CA GLY F 107 -26.65 29.53 2.89
C GLY F 107 -25.45 28.95 3.62
N PHE F 108 -25.40 29.07 4.96
CA PHE F 108 -24.30 28.54 5.80
C PHE F 108 -24.73 27.24 6.50
N MET F 109 -25.99 26.84 6.34
CA MET F 109 -26.52 25.70 7.11
C MET F 109 -26.11 24.40 6.44
N PRO F 110 -25.86 23.32 7.20
CA PRO F 110 -25.56 22.02 6.61
C PRO F 110 -26.78 21.49 5.87
N ASN F 111 -26.53 21.02 4.65
CA ASN F 111 -27.55 20.55 3.71
C ASN F 111 -28.35 19.39 4.34
N LEU F 112 -29.67 19.49 4.34
CA LEU F 112 -30.54 18.50 5.04
C LEU F 112 -30.67 17.22 4.22
N VAL F 113 -30.47 17.27 2.91
CA VAL F 113 -30.52 16.03 2.09
C VAL F 113 -29.20 15.27 2.31
N ALA F 114 -28.08 15.99 2.29
CA ALA F 114 -26.75 15.40 2.58
C ALA F 114 -26.76 14.85 4.01
N TYR F 115 -27.32 15.64 4.94
CA TYR F 115 -27.20 15.37 6.38
C TYR F 115 -28.58 15.48 7.01
N PRO F 116 -29.42 14.44 6.83
CA PRO F 116 -30.79 14.50 7.35
C PRO F 116 -30.80 14.40 8.88
N LYS F 117 -31.83 14.96 9.50
CA LYS F 117 -32.07 14.67 10.94
C LYS F 117 -32.31 13.18 11.08
N PRO F 118 -31.73 12.52 12.10
CA PRO F 118 -31.90 11.08 12.26
C PRO F 118 -33.36 10.76 12.57
N THR F 119 -33.90 9.72 11.92
CA THR F 119 -35.29 9.26 12.13
C THR F 119 -35.24 7.74 12.23
N THR F 120 -36.05 7.17 13.12
CA THR F 120 -36.24 5.70 13.18
C THR F 120 -36.91 5.27 11.87
N GLY F 121 -36.38 4.24 11.22
CA GLY F 121 -36.94 3.69 9.97
C GLY F 121 -36.35 4.36 8.74
N SER F 122 -35.47 5.35 8.91
CA SER F 122 -34.54 5.81 7.85
C SER F 122 -33.12 5.37 8.25
N LYS F 123 -32.35 4.85 7.28
CA LYS F 123 -30.95 4.40 7.49
C LYS F 123 -30.08 5.61 7.84
N LYS F 124 -29.42 5.59 9.00
CA LYS F 124 -28.49 6.66 9.44
C LYS F 124 -27.10 6.39 8.83
N TYR F 125 -26.63 7.29 7.97
CA TYR F 125 -25.32 7.17 7.29
C TYR F 125 -24.33 8.06 8.02
N ALA F 126 -23.06 7.67 8.02
CA ALA F 126 -21.95 8.36 8.69
C ALA F 126 -21.49 9.57 7.87
N ARG F 127 -22.04 9.83 6.69
CA ARG F 127 -21.44 10.91 5.85
C ARG F 127 -21.71 12.28 6.48
N ASP F 128 -22.61 12.37 7.48
CA ASP F 128 -22.87 13.62 8.24
C ASP F 128 -21.80 13.83 9.32
N ILE F 129 -20.74 13.02 9.33
CA ILE F 129 -19.61 13.15 10.29
C ILE F 129 -18.33 13.49 9.54
N VAL F 130 -17.54 14.39 10.13
CA VAL F 130 -16.11 14.52 9.74
C VAL F 130 -15.27 14.42 11.00
N TYR F 131 -14.26 13.59 10.96
CA TYR F 131 -13.24 13.45 12.02
C TYR F 131 -12.03 14.31 11.69
N GLY F 132 -11.44 14.88 12.74
CA GLY F 132 -10.12 15.50 12.68
C GLY F 132 -9.38 15.27 13.99
N ASN F 133 -8.11 15.63 13.98
CA ASN F 133 -7.26 15.70 15.17
C ASN F 133 -6.78 17.13 15.31
N ILE F 134 -6.75 17.59 16.55
CA ILE F 134 -6.05 18.83 16.93
C ILE F 134 -5.16 18.49 18.12
N TYR F 135 -4.23 19.37 18.46
CA TYR F 135 -3.15 19.04 19.41
C TYR F 135 -3.15 20.05 20.53
N LEU F 136 -3.21 19.56 21.77
CA LEU F 136 -3.20 20.44 22.96
C LEU F 136 -1.81 21.09 23.04
N GLY F 137 -1.80 22.41 23.19
CA GLY F 137 -0.57 23.18 23.33
C GLY F 137 0.30 23.11 22.10
N GLY F 138 -0.23 22.66 20.98
CA GLY F 138 0.53 22.51 19.72
C GLY F 138 1.53 21.37 19.79
N LYS F 139 1.43 20.49 20.78
CA LYS F 139 2.42 19.40 20.98
C LYS F 139 1.96 18.17 20.21
N PRO F 140 2.83 17.59 19.37
CA PRO F 140 2.41 16.51 18.49
C PRO F 140 2.02 15.23 19.25
N HIS F 141 2.45 15.07 20.49
CA HIS F 141 2.13 13.90 21.34
C HIS F 141 0.89 14.15 22.22
N GLN F 142 0.14 15.23 21.97
CA GLN F 142 -1.08 15.53 22.74
C GLN F 142 -2.26 15.66 21.80
N PRO F 143 -2.56 14.61 21.00
CA PRO F 143 -3.72 14.65 20.12
C PRO F 143 -5.02 14.64 20.90
N VAL F 144 -6.03 15.31 20.35
CA VAL F 144 -7.45 15.07 20.72
C VAL F 144 -8.22 14.92 19.43
N THR F 145 -9.25 14.11 19.48
CA THR F 145 -10.16 13.90 18.35
C THR F 145 -11.24 14.98 18.41
N ILE F 146 -11.44 15.66 17.30
CA ILE F 146 -12.61 16.55 17.14
C ILE F 146 -13.50 15.90 16.08
N LYS F 147 -14.65 15.43 16.53
CA LYS F 147 -15.68 14.84 15.66
C LYS F 147 -16.75 15.90 15.41
N THR F 148 -17.00 16.24 14.16
CA THR F 148 -18.03 17.21 13.77
C THR F 148 -19.18 16.46 13.12
N THR F 149 -20.39 16.69 13.60
CA THR F 149 -21.60 16.03 13.07
C THR F 149 -22.58 17.10 12.63
N PHE F 150 -23.20 16.91 11.47
CA PHE F 150 -24.16 17.89 10.90
C PHE F 150 -25.58 17.40 11.08
N ASN F 151 -26.43 18.27 11.64
CA ASN F 151 -27.91 18.09 11.71
C ASN F 151 -28.24 16.80 12.47
N GLN F 152 -27.54 16.50 13.54
CA GLN F 152 -27.83 15.35 14.41
C GLN F 152 -28.75 15.73 15.57
N GLU F 153 -28.86 17.02 15.85
CA GLU F 153 -29.52 17.48 17.09
C GLU F 153 -31.01 17.69 16.84
N THR F 154 -31.84 17.37 17.82
CA THR F 154 -33.29 17.74 17.85
C THR F 154 -33.40 19.15 18.40
N GLY F 155 -34.60 19.74 18.40
CA GLY F 155 -34.87 21.09 18.95
C GLY F 155 -34.17 22.15 18.14
N CYS F 156 -34.07 21.93 16.83
CA CYS F 156 -33.47 22.87 15.88
C CYS F 156 -33.82 22.42 14.46
N GLU F 157 -33.57 23.26 13.47
CA GLU F 157 -33.73 22.89 12.04
C GLU F 157 -32.39 22.37 11.52
N TYR F 158 -31.29 22.95 12.00
CA TYR F 158 -29.90 22.57 11.60
C TYR F 158 -29.00 22.58 12.82
N SER F 159 -27.92 21.82 12.76
CA SER F 159 -26.95 21.76 13.87
C SER F 159 -25.56 21.44 13.38
N ILE F 160 -24.59 21.97 14.10
CA ILE F 160 -23.19 21.52 14.03
C ILE F 160 -22.80 21.13 15.44
N THR F 161 -22.38 19.89 15.61
CA THR F 161 -21.96 19.33 16.91
C THR F 161 -20.48 19.05 16.87
N PHE F 162 -19.74 19.54 17.85
CA PHE F 162 -18.32 19.20 18.05
C PHE F 162 -18.21 18.30 19.27
N ASP F 163 -17.84 17.04 19.06
CA ASP F 163 -17.51 16.10 20.14
C ASP F 163 -15.98 16.03 20.24
N PHE F 164 -15.43 16.45 21.37
CA PHE F 164 -13.98 16.39 21.65
C PHE F 164 -13.76 15.17 22.52
N SER F 165 -12.74 14.37 22.19
CA SER F 165 -12.41 13.17 22.97
C SER F 165 -10.90 12.94 22.91
N TRP F 166 -10.39 12.25 23.90
CA TRP F 166 -8.98 11.78 23.89
C TRP F 166 -8.92 10.44 24.62
N ALA F 167 -7.89 9.67 24.33
CA ALA F 167 -7.69 8.33 24.93
C ALA F 167 -6.42 8.31 25.78
N LYS F 168 -5.54 9.29 25.59
CA LYS F 168 -4.29 9.36 26.36
C LYS F 168 -4.59 9.88 27.76
N THR F 169 -3.74 9.54 28.71
CA THR F 169 -3.77 10.09 30.08
C THR F 169 -3.04 11.42 30.06
N TYR F 170 -3.76 12.53 30.02
CA TYR F 170 -3.17 13.89 30.08
C TYR F 170 -3.11 14.34 31.53
N VAL F 171 -1.93 14.79 31.94
CA VAL F 171 -1.66 15.19 33.34
C VAL F 171 -1.23 16.65 33.34
N ASN F 172 -2.09 17.53 33.85
CA ASN F 172 -1.84 18.98 33.96
C ASN F 172 -1.57 19.54 32.57
N VAL F 173 -2.46 19.22 31.63
CA VAL F 173 -2.36 19.68 30.22
C VAL F 173 -3.47 20.70 29.99
N GLU F 174 -3.10 21.90 29.59
CA GLU F 174 -4.09 22.97 29.32
C GLU F 174 -4.87 22.59 28.06
N PHE F 175 -6.20 22.64 28.11
CA PHE F 175 -7.03 22.36 26.92
C PHE F 175 -7.11 23.61 26.04
N GLU F 176 -6.13 23.78 25.18
CA GLU F 176 -6.12 24.85 24.15
C GLU F 176 -5.42 24.26 22.93
N THR F 177 -6.03 24.41 21.76
CA THR F 177 -5.79 23.46 20.63
C THR F 177 -5.18 24.18 19.43
N THR F 178 -4.58 23.39 18.57
CA THR F 178 -4.28 23.77 17.17
C THR F 178 -5.60 23.87 16.42
N SER F 179 -5.53 24.31 15.18
CA SER F 179 -6.71 24.56 14.31
C SER F 179 -6.92 23.37 13.37
N PHE F 180 -8.17 23.17 12.98
CA PHE F 180 -8.58 22.13 12.03
C PHE F 180 -9.53 22.75 11.02
N THR F 181 -9.34 22.39 9.76
CA THR F 181 -10.20 22.83 8.65
C THR F 181 -11.01 21.65 8.15
N PHE F 182 -12.28 21.89 7.87
CA PHE F 182 -13.15 20.92 7.20
C PHE F 182 -14.12 21.69 6.31
N SER F 183 -14.98 20.99 5.62
CA SER F 183 -16.06 21.62 4.84
C SER F 183 -17.29 20.77 4.99
N TYR F 184 -18.41 21.32 4.58
CA TYR F 184 -19.69 20.61 4.48
C TYR F 184 -20.50 21.22 3.37
N ILE F 185 -21.45 20.43 2.90
CA ILE F 185 -22.38 20.79 1.81
C ILE F 185 -23.40 21.77 2.40
N ALA F 186 -23.61 22.89 1.71
CA ALA F 186 -24.50 23.96 2.16
C ALA F 186 -25.95 23.65 1.76
N GLN F 187 -26.89 24.07 2.59
CA GLN F 187 -28.35 23.89 2.36
C GLN F 187 -28.78 24.60 1.07
N GLU F 188 -28.27 25.82 0.84
CA GLU F 188 -28.58 26.56 -0.41
C GLU F 188 -27.38 27.45 -0.76
S SO4 G . -7.63 -6.17 -1.78
O1 SO4 G . -7.44 -7.50 -2.31
O2 SO4 G . -8.84 -6.11 -1.03
O3 SO4 G . -6.53 -5.84 -0.94
O4 SO4 G . -7.73 -5.25 -2.86
S SO4 H . 3.62 -13.79 -31.23
O1 SO4 H . 2.89 -13.76 -32.47
O2 SO4 H . 3.56 -15.11 -30.67
O3 SO4 H . 3.04 -12.86 -30.33
O4 SO4 H . 4.98 -13.45 -31.47
C1 EDO I . 4.70 -20.81 -31.13
O1 EDO I . 6.05 -21.15 -31.12
C2 EDO I . 4.38 -19.71 -32.05
O2 EDO I . 3.05 -19.35 -32.00
C1 EDO J . -7.91 -2.35 -24.21
O1 EDO J . -7.50 -3.52 -23.57
C2 EDO J . -6.78 -1.58 -24.72
O2 EDO J . -7.17 -0.31 -25.17
C1 EDO K . 7.32 -25.93 -34.51
O1 EDO K . 8.35 -26.53 -33.74
C2 EDO K . 6.38 -26.90 -35.16
O2 EDO K . 5.04 -26.81 -34.71
C1 EDO L . -8.95 -2.57 -7.40
O1 EDO L . -9.89 -2.62 -8.45
C2 EDO L . -9.31 -3.48 -6.31
O2 EDO L . -8.43 -3.38 -5.21
C1 EDO M . -4.96 -1.09 -5.51
O1 EDO M . -5.25 -0.38 -6.66
C2 EDO M . -3.71 -0.67 -4.84
O2 EDO M . -3.09 -1.73 -4.16
S SO4 N . 23.94 -2.06 11.53
O1 SO4 N . 24.47 -3.38 11.30
O2 SO4 N . 22.83 -2.14 12.41
O3 SO4 N . 24.96 -1.23 12.12
O4 SO4 N . 23.52 -1.51 10.28
C1 EDO O . 27.07 5.89 5.47
O1 EDO O . 27.22 5.82 4.07
C2 EDO O . 25.94 5.09 6.01
O2 EDO O . 26.19 4.48 7.27
C1 EDO P . 5.23 -12.94 17.39
O1 EDO P . 6.61 -13.09 17.41
C2 EDO P . 4.53 -13.93 18.23
O2 EDO P . 3.15 -13.83 18.09
C1 EDO Q . 34.96 -4.00 3.15
O1 EDO Q . 34.83 -3.17 2.04
C2 EDO Q . 33.72 -4.68 3.53
O2 EDO Q . 33.76 -5.18 4.85
C1 EDO R . 2.16 -4.30 0.12
O1 EDO R . 1.13 -4.04 1.06
C2 EDO R . 2.99 -3.14 -0.27
O2 EDO R . 2.70 -2.60 -1.56
C1 EDO S . 30.31 -12.61 -10.35
O1 EDO S . 29.59 -13.06 -9.20
C2 EDO S . 31.28 -11.51 -10.08
O2 EDO S . 31.12 -10.35 -10.90
C1 EDO T . -8.38 -4.77 14.78
O1 EDO T . -7.69 -5.11 13.58
C2 EDO T . -9.82 -5.06 14.71
O2 EDO T . -10.54 -4.18 13.86
S SO4 U . 3.97 -46.13 4.84
O1 SO4 U . 5.11 -46.62 4.10
O2 SO4 U . 3.53 -47.14 5.76
O3 SO4 U . 4.34 -44.96 5.57
O4 SO4 U . 2.92 -45.81 3.92
C1 EDO V . 8.77 -44.60 8.10
O1 EDO V . 10.10 -44.74 7.63
C2 EDO V . 7.78 -45.67 7.80
O2 EDO V . 6.49 -45.19 7.39
C1 PEG W . -5.64 -18.64 -5.58
O1 PEG W . -6.81 -18.04 -5.04
C2 PEG W . -4.54 -17.66 -5.74
O2 PEG W . -3.27 -18.32 -5.74
C3 PEG W . -2.88 -18.82 -4.46
C4 PEG W . -1.41 -18.69 -4.27
O4 PEG W . -0.84 -19.87 -3.70
C1 PEG X . 0.00 -19.65 4.05
O1 PEG X . -0.96 -18.94 3.31
C2 PEG X . -0.41 -19.82 5.48
O2 PEG X . -1.76 -19.46 5.66
C3 PEG X . -2.07 -19.17 7.02
C4 PEG X . -3.56 -19.14 7.22
O4 PEG X . -4.07 -20.39 7.66
C1 EDO Y . 6.91 2.65 2.46
O1 EDO Y . 8.15 2.53 1.88
C2 EDO Y . 5.84 2.21 1.55
O2 EDO Y . 4.59 2.75 1.84
C1 EDO Z . 27.92 7.36 8.39
O1 EDO Z . 28.85 6.89 7.44
C2 EDO Z . 28.07 8.82 8.72
O2 EDO Z . 28.25 9.66 7.62
C1 EDO AA . 14.88 30.92 -5.21
O1 EDO AA . 15.31 30.48 -3.95
C2 EDO AA . 15.69 32.05 -5.74
O2 EDO AA . 14.96 32.86 -6.65
C1 EDO BA . 21.63 13.89 2.87
O1 EDO BA . 21.36 14.48 1.64
C2 EDO BA . 21.04 12.54 2.95
O2 EDO BA . 21.28 11.91 4.16
C1 EDO CA . 10.28 3.17 6.31
O1 EDO CA . 11.23 3.74 5.46
C2 EDO CA . 8.93 3.57 5.94
O2 EDO CA . 7.96 2.87 6.66
C1 EDO DA . 15.54 33.24 -1.26
O1 EDO DA . 14.55 32.52 -1.94
C2 EDO DA . 15.31 34.71 -1.27
O2 EDO DA . 13.96 35.08 -1.00
C1 PEG EA . 0.73 6.94 7.91
O1 PEG EA . 0.43 8.25 8.40
C2 PEG EA . 1.74 6.23 8.75
O2 PEG EA . 2.63 5.48 7.94
C3 PEG EA . 3.65 4.83 8.70
C4 PEG EA . 3.59 3.37 8.43
O4 PEG EA . 4.68 2.67 8.93
S SO4 FA . -16.12 25.12 -16.08
O1 SO4 FA . -15.21 25.00 -17.20
O2 SO4 FA . -15.92 24.03 -15.18
O3 SO4 FA . -15.86 26.36 -15.39
O4 SO4 FA . -17.48 25.11 -16.56
C1 EDO GA . -1.31 3.54 -0.35
O1 EDO GA . -1.09 3.91 -1.70
C2 EDO GA . -2.70 3.65 0.14
O2 EDO GA . -2.79 3.44 1.55
C1 EDO HA . -24.23 1.57 -13.86
O1 EDO HA . -25.54 1.05 -14.11
C2 EDO HA . -23.65 1.06 -12.59
O2 EDO HA . -23.31 2.06 -11.67
C1 EDO IA . -6.12 -9.44 14.80
O1 EDO IA . -4.73 -9.14 14.76
C2 EDO IA . -7.00 -8.31 14.40
O2 EDO IA . -6.43 -7.45 13.43
S SO4 JA . -21.61 31.47 26.87
O1 SO4 JA . -21.84 31.16 25.48
O2 SO4 JA . -22.08 30.40 27.68
O3 SO4 JA . -20.20 31.66 27.09
O4 SO4 JA . -22.31 32.69 27.20
S SO4 KA . -26.72 33.27 3.68
O1 SO4 KA . -26.05 32.76 2.52
O2 SO4 KA . -26.27 32.57 4.84
O3 SO4 KA . -26.41 34.67 3.85
O4 SO4 KA . -28.14 33.10 3.55
C1 EDO LA . -10.47 28.75 14.39
O1 EDO LA . -11.33 29.31 13.45
C2 EDO LA . -9.33 29.63 14.71
O2 EDO LA . -8.50 29.09 15.66
C1 PEG MA . 1.20 15.06 13.92
O1 PEG MA . 1.97 14.05 14.52
C2 PEG MA . 1.02 14.85 12.46
O2 PEG MA . -0.10 15.58 11.97
C3 PEG MA . -1.34 14.86 12.07
C4 PEG MA . -2.45 15.65 11.44
O4 PEG MA . -3.43 16.06 12.39
C1 PEG NA . -8.26 11.68 12.14
O1 PEG NA . -8.78 11.64 10.81
C2 PEG NA . -9.32 11.49 13.18
O2 PEG NA . -8.75 11.08 14.42
C3 PEG NA . -9.31 9.87 14.94
C4 PEG NA . -8.49 9.37 16.09
O4 PEG NA . -9.16 8.40 16.88
#